data_5N4W
#
_entry.id   5N4W
#
_cell.length_a   86.038
_cell.length_b   190.962
_cell.length_c   238.885
_cell.angle_alpha   90.00
_cell.angle_beta   90.00
_cell.angle_gamma   90.00
#
_symmetry.space_group_name_H-M   'C 2 2 21'
#
loop_
_entity.id
_entity.type
_entity.pdbx_description
1 polymer Cullin-2
2 polymer 'Von Hippel-Lindau disease tumor suppressor'
3 polymer 'E3 ubiquitin-protein ligase RBX1'
4 polymer Elongin-B
5 polymer Elongin-C
6 non-polymer 'ZINC ION'
#
loop_
_entity_poly.entity_id
_entity_poly.type
_entity_poly.pdbx_seq_one_letter_code
_entity_poly.pdbx_strand_id
1 'polypeptide(L)'
;GGSMSLKPRVVDFDETWNKLLTTIKAVVMLEYVERATWNDRFSDIYALCVAYPEPLGERLYTETKIFLENHVRHLHKRVL
ESEEQVLVMYHRYWEEYSKGADYMDCLYRYLNTQFIKKNKLTEADLQYGYGGVDMNEPLMEIGELALDMWRKLMVEPLQA
ILIRMLLREIKNDRGGEDPNQKVIHGVINSFVHVEQYKKKFPLKFYQEIFESPFLTETGEYYKQEASNLLQESNCSQYME
KVLGRLKDEEIRCRKYLHPSSYTKVIHECQQRMVADHLQFLHAECHNIIRQEKKNDMANMYVLLRAVSTGLPHMIQELQN
HIHDEGLRATSNLTQENMPTLFVESVLEVHGKFVQLINTVLNGDQHFMSALDKALTSVVNYREPKSVCKAPELLAKYCDN
LLKKSAKGMTENEVEDRLTSFITVFKYIDDKDVFQKFYARMLAKRLIHGLSMSMDSEEAMINKLKQACGYEFTSKLHRMY
TDMSVSADLNNKFNNFIKNQDTVIDLGISFQIYVLQAGAWPLTQAPSSTFAIPQELEKSVQMFELFYSQHFSGRKLTWLH
YLCTGEVKMNYLGKPYVAMVTTYQMAVLLAFNNSETVSYKELQDSTQMNEKELTKTIKSLLDVKMINHDSEKEDIDAESS
FSLNMNFSSKRTKFKITTSMQKDTPQEMEQTRSAVDEDRKMYLQAAIVRIMKARKVLRHNALIQEVISQSRARFNPSISM
IKKCIEVLIDKQYIERSQASADEYSYVA
;
A
2 'polypeptide(L)'
;MEAGRPRPVLRSVNSREPSQVIFCNRSPRVVLPVWLNFDGEPQPYPTLPPGTGRRIHSYRGHLWLFRDAGTHDGLLVNQT
ELFVPSLNVDGQPIFANITLPVYTLKERCLQVVRSLVKPENYRRLDIVRSLYEDLEDHPNVQKDLERLTQERIAHQRMGD
;
V
3 'polypeptide(L)'
;MAAAMDVDTPSGTNSGAKKKRFEVKKWNAVALWAWDIVVDNCAICRNHIMDLCIECQANQASATSEECTVAWGVCNHAFH
FHCISRWLKTRQVCPLDNREWE
;
R
4 'polypeptide(L)'
;MDVFLMIRRHKTTIFTDAKESSTVFELKRIVEGILKRPPDEQRLYKDDQLLDDGKTLGECGFTSQTARPQAPATVGLAFR
ADDTFEALCIEPFSSPPELPDVMK
;
B
5 'polypeptide(L)'
;MMYVKLISSDGHEFIVKREHALTSGTIKAMLSGPGQFAENETNEVNFREIPSHVLSKVCMYFTYKVRYTNSSTEIPEFPI
APEIALELLMAANFLDC
;
C
#
loop_
_chem_comp.id
_chem_comp.type
_chem_comp.name
_chem_comp.formula
ZN non-polymer 'ZINC ION' 'Zn 2'
#
# COMPACT_ATOMS: atom_id res chain seq x y z
N MET A 4 -25.78 19.11 -62.24
CA MET A 4 -26.38 20.44 -62.17
C MET A 4 -26.29 21.00 -60.75
N SER A 5 -27.30 21.77 -60.35
CA SER A 5 -27.34 22.33 -59.02
C SER A 5 -27.72 21.26 -58.00
N LEU A 6 -27.65 21.64 -56.73
CA LEU A 6 -28.05 20.72 -55.65
C LEU A 6 -29.56 20.53 -55.57
N LYS A 7 -30.34 21.19 -56.43
CA LYS A 7 -31.76 20.93 -56.47
C LYS A 7 -32.01 19.49 -56.90
N PRO A 8 -33.07 18.87 -56.37
CA PRO A 8 -33.28 17.43 -56.63
C PRO A 8 -33.57 17.13 -58.08
N ARG A 9 -32.64 16.48 -58.76
CA ARG A 9 -32.77 16.12 -60.16
C ARG A 9 -32.81 14.60 -60.31
N VAL A 10 -33.72 14.12 -61.13
CA VAL A 10 -33.82 12.69 -61.45
C VAL A 10 -32.67 12.36 -62.39
N VAL A 11 -31.63 11.73 -61.86
CA VAL A 11 -30.41 11.46 -62.60
C VAL A 11 -30.43 10.01 -63.07
N ASP A 12 -29.70 9.74 -64.16
CA ASP A 12 -29.62 8.40 -64.71
C ASP A 12 -29.08 7.41 -63.67
N PHE A 13 -29.28 6.12 -63.95
CA PHE A 13 -28.89 5.06 -63.03
C PHE A 13 -27.60 4.35 -63.42
N ASP A 14 -27.07 4.61 -64.61
CA ASP A 14 -25.79 4.06 -65.03
C ASP A 14 -24.70 5.10 -65.20
N GLU A 15 -25.06 6.35 -65.50
CA GLU A 15 -24.07 7.42 -65.66
C GLU A 15 -23.21 7.53 -64.41
N THR A 16 -23.82 7.76 -63.26
CA THR A 16 -23.07 7.84 -62.01
C THR A 16 -22.57 6.48 -61.55
N TRP A 17 -23.18 5.39 -62.02
CA TRP A 17 -22.83 4.07 -61.53
C TRP A 17 -21.58 3.50 -62.19
N ASN A 18 -21.28 3.93 -63.43
CA ASN A 18 -20.06 3.46 -64.08
C ASN A 18 -18.83 4.10 -63.44
N LYS A 19 -18.75 5.43 -63.47
CA LYS A 19 -17.61 6.11 -62.86
C LYS A 19 -17.58 5.89 -61.35
N LEU A 20 -18.75 5.85 -60.73
CA LEU A 20 -18.82 5.58 -59.29
C LEU A 20 -18.32 4.17 -58.98
N LEU A 21 -18.71 3.18 -59.78
CA LEU A 21 -18.28 1.81 -59.56
C LEU A 21 -16.77 1.68 -59.75
N THR A 22 -16.25 2.20 -60.87
CA THR A 22 -14.82 2.16 -61.08
C THR A 22 -14.05 2.92 -60.00
N THR A 23 -14.69 3.93 -59.41
CA THR A 23 -14.07 4.62 -58.28
C THR A 23 -14.06 3.72 -57.04
N ILE A 24 -15.13 2.94 -56.83
CA ILE A 24 -15.14 1.97 -55.74
C ILE A 24 -13.99 0.98 -55.92
N LYS A 25 -13.90 0.37 -57.10
CA LYS A 25 -12.84 -0.59 -57.38
C LYS A 25 -11.47 0.05 -57.28
N ALA A 26 -11.38 1.36 -57.54
CA ALA A 26 -10.11 2.07 -57.37
C ALA A 26 -9.78 2.30 -55.90
N VAL A 27 -10.80 2.48 -55.05
CA VAL A 27 -10.55 2.61 -53.61
C VAL A 27 -10.16 1.27 -53.02
N VAL A 28 -10.75 0.18 -53.51
CA VAL A 28 -10.36 -1.15 -53.07
C VAL A 28 -8.94 -1.44 -53.55
N MET A 29 -8.17 -2.16 -52.73
CA MET A 29 -6.75 -2.47 -52.94
C MET A 29 -5.87 -1.24 -52.90
N LEU A 30 -6.39 -0.09 -52.44
CA LEU A 30 -5.64 1.16 -52.36
C LEU A 30 -5.07 1.57 -53.71
N GLU A 31 -5.77 1.24 -54.80
CA GLU A 31 -5.36 1.68 -56.12
C GLU A 31 -5.45 3.20 -56.21
N TYR A 32 -4.78 3.76 -57.21
CA TYR A 32 -4.74 5.21 -57.36
C TYR A 32 -6.11 5.76 -57.71
N VAL A 33 -6.58 6.72 -56.91
CA VAL A 33 -7.82 7.44 -57.18
C VAL A 33 -7.46 8.92 -57.34
N GLU A 34 -8.19 9.59 -58.22
CA GLU A 34 -7.90 10.98 -58.55
C GLU A 34 -8.38 11.91 -57.44
N ARG A 35 -7.70 13.05 -57.31
CA ARG A 35 -8.01 14.00 -56.24
C ARG A 35 -9.36 14.70 -56.46
N ALA A 36 -9.92 14.65 -57.67
CA ALA A 36 -11.16 15.35 -57.98
C ALA A 36 -12.36 14.42 -58.06
N THR A 37 -12.20 13.22 -58.62
CA THR A 37 -13.32 12.28 -58.68
C THR A 37 -13.80 11.92 -57.29
N TRP A 38 -12.88 11.75 -56.34
CA TRP A 38 -13.26 11.58 -54.94
C TRP A 38 -14.08 12.76 -54.46
N ASN A 39 -13.75 13.97 -54.93
CA ASN A 39 -14.54 15.15 -54.60
C ASN A 39 -15.87 15.18 -55.35
N ASP A 40 -16.05 14.30 -56.35
CA ASP A 40 -17.30 14.23 -57.09
C ASP A 40 -18.24 13.13 -56.61
N ARG A 41 -17.72 12.10 -55.95
CA ARG A 41 -18.55 10.93 -55.64
C ARG A 41 -19.64 11.26 -54.63
N PHE A 42 -19.35 12.13 -53.66
CA PHE A 42 -20.37 12.50 -52.68
C PHE A 42 -21.57 13.16 -53.34
N SER A 43 -21.31 14.03 -54.32
CA SER A 43 -22.40 14.58 -55.11
C SER A 43 -23.08 13.48 -55.93
N ASP A 44 -22.29 12.57 -56.50
CA ASP A 44 -22.82 11.47 -57.28
C ASP A 44 -23.53 10.42 -56.44
N ILE A 45 -23.62 10.60 -55.13
CA ILE A 45 -24.43 9.75 -54.26
C ILE A 45 -25.61 10.51 -53.68
N TYR A 46 -25.38 11.75 -53.21
CA TYR A 46 -26.49 12.59 -52.76
C TYR A 46 -27.52 12.79 -53.87
N ALA A 47 -27.06 12.95 -55.11
CA ALA A 47 -28.00 13.08 -56.23
C ALA A 47 -28.81 11.80 -56.41
N LEU A 48 -28.25 10.64 -56.06
CA LEU A 48 -28.97 9.39 -56.20
C LEU A 48 -29.98 9.19 -55.08
N CYS A 49 -29.62 9.57 -53.86
CA CYS A 49 -30.43 9.26 -52.69
C CYS A 49 -31.58 10.23 -52.46
N VAL A 50 -31.97 11.04 -53.45
CA VAL A 50 -33.03 12.03 -53.20
C VAL A 50 -34.21 11.87 -54.15
N ALA A 51 -34.00 12.10 -55.44
CA ALA A 51 -35.08 12.48 -56.35
C ALA A 51 -35.39 11.40 -57.38
N TYR A 52 -36.37 10.53 -57.06
CA TYR A 52 -37.08 9.82 -58.12
C TYR A 52 -38.59 9.71 -57.87
N PRO A 53 -39.27 10.73 -57.34
CA PRO A 53 -38.94 11.86 -56.47
C PRO A 53 -38.95 11.31 -55.04
N GLU A 54 -38.33 10.14 -54.90
CA GLU A 54 -38.29 9.32 -53.71
C GLU A 54 -36.85 8.88 -53.45
N PRO A 55 -36.49 8.58 -52.20
CA PRO A 55 -35.12 8.13 -51.91
C PRO A 55 -34.84 6.78 -52.55
N LEU A 56 -33.54 6.53 -52.80
CA LEU A 56 -33.15 5.34 -53.54
C LEU A 56 -31.91 4.63 -52.98
N GLY A 57 -31.43 5.01 -51.79
CA GLY A 57 -30.25 4.37 -51.23
C GLY A 57 -30.38 2.88 -51.02
N GLU A 58 -31.62 2.38 -50.92
CA GLU A 58 -31.86 0.95 -50.77
C GLU A 58 -31.22 0.17 -51.91
N ARG A 59 -31.14 0.76 -53.10
CA ARG A 59 -30.45 0.11 -54.22
C ARG A 59 -28.95 0.09 -54.00
N LEU A 60 -28.38 1.22 -53.57
CA LEU A 60 -26.93 1.32 -53.40
C LEU A 60 -26.44 0.34 -52.34
N TYR A 61 -27.20 0.15 -51.27
CA TYR A 61 -26.79 -0.79 -50.23
C TYR A 61 -26.71 -2.21 -50.80
N THR A 62 -27.76 -2.66 -51.49
CA THR A 62 -27.79 -4.02 -52.01
C THR A 62 -26.71 -4.23 -53.06
N GLU A 63 -26.59 -3.31 -54.03
CA GLU A 63 -25.55 -3.45 -55.05
C GLU A 63 -24.17 -3.49 -54.42
N THR A 64 -23.91 -2.61 -53.44
CA THR A 64 -22.63 -2.63 -52.74
C THR A 64 -22.37 -3.98 -52.11
N LYS A 65 -23.38 -4.55 -51.43
CA LYS A 65 -23.20 -5.86 -50.81
C LYS A 65 -22.92 -6.93 -51.87
N ILE A 66 -23.53 -6.81 -53.05
CA ILE A 66 -23.26 -7.76 -54.13
C ILE A 66 -21.79 -7.70 -54.54
N PHE A 67 -21.29 -6.48 -54.79
CA PHE A 67 -19.87 -6.35 -55.13
C PHE A 67 -18.97 -6.90 -54.04
N LEU A 68 -19.35 -6.68 -52.78
CA LEU A 68 -18.59 -7.24 -51.66
C LEU A 68 -18.52 -8.76 -51.76
N GLU A 69 -19.68 -9.41 -51.98
CA GLU A 69 -19.70 -10.86 -52.09
C GLU A 69 -18.81 -11.34 -53.23
N ASN A 70 -18.97 -10.74 -54.42
CA ASN A 70 -18.18 -11.18 -55.57
C ASN A 70 -16.69 -11.04 -55.31
N HIS A 71 -16.27 -9.93 -54.70
CA HIS A 71 -14.86 -9.74 -54.40
C HIS A 71 -14.36 -10.77 -53.40
N VAL A 72 -15.17 -11.04 -52.35
CA VAL A 72 -14.80 -12.04 -51.35
C VAL A 72 -14.61 -13.41 -51.99
N ARG A 73 -15.48 -13.77 -52.93
CA ARG A 73 -15.35 -15.08 -53.57
C ARG A 73 -14.17 -15.13 -54.52
N HIS A 74 -13.88 -14.02 -55.22
CA HIS A 74 -12.68 -13.97 -56.05
C HIS A 74 -11.43 -14.21 -55.22
N LEU A 75 -11.28 -13.47 -54.13
CA LEU A 75 -10.13 -13.69 -53.26
C LEU A 75 -10.21 -15.02 -52.52
N HIS A 76 -11.37 -15.67 -52.50
CA HIS A 76 -11.45 -17.04 -51.99
C HIS A 76 -10.91 -18.04 -52.99
N LYS A 77 -11.08 -17.78 -54.30
CA LYS A 77 -10.48 -18.66 -55.29
C LYS A 77 -8.99 -18.41 -55.44
N ARG A 78 -8.56 -17.15 -55.32
CA ARG A 78 -7.12 -16.87 -55.29
C ARG A 78 -6.48 -17.44 -54.03
N VAL A 79 -7.11 -17.24 -52.88
CA VAL A 79 -6.57 -17.77 -51.63
C VAL A 79 -6.56 -19.29 -51.65
N LEU A 80 -7.60 -19.90 -52.22
CA LEU A 80 -7.64 -21.34 -52.34
C LEU A 80 -6.60 -21.86 -53.33
N GLU A 81 -6.27 -21.05 -54.35
CA GLU A 81 -5.23 -21.43 -55.29
C GLU A 81 -3.88 -21.54 -54.59
N SER A 82 -3.60 -20.65 -53.65
CA SER A 82 -2.35 -20.66 -52.90
C SER A 82 -2.21 -21.95 -52.11
N GLU A 83 -1.25 -22.80 -52.48
CA GLU A 83 -1.05 -24.08 -51.82
C GLU A 83 -0.35 -23.83 -50.49
N GLU A 84 -1.13 -23.85 -49.41
CA GLU A 84 -0.69 -23.68 -48.03
C GLU A 84 -0.16 -22.29 -47.72
N GLN A 85 -0.09 -21.39 -48.71
CA GLN A 85 0.24 -19.99 -48.49
C GLN A 85 -0.99 -19.11 -48.55
N VAL A 86 -2.12 -19.62 -48.04
CA VAL A 86 -3.35 -18.85 -48.04
C VAL A 86 -3.21 -17.62 -47.14
N LEU A 87 -2.32 -17.70 -46.16
CA LEU A 87 -2.11 -16.59 -45.23
C LEU A 87 -1.23 -15.48 -45.79
N VAL A 88 -0.50 -15.74 -46.87
CA VAL A 88 0.32 -14.69 -47.48
C VAL A 88 -0.54 -13.80 -48.38
N MET A 89 -1.16 -14.40 -49.40
CA MET A 89 -2.15 -13.68 -50.18
C MET A 89 -3.33 -13.21 -49.33
N TYR A 90 -3.57 -13.86 -48.20
CA TYR A 90 -4.58 -13.38 -47.25
C TYR A 90 -4.07 -12.18 -46.48
N HIS A 91 -2.76 -12.10 -46.23
CA HIS A 91 -2.19 -10.91 -45.58
C HIS A 91 -2.22 -9.72 -46.54
N ARG A 92 -1.78 -9.93 -47.78
CA ARG A 92 -1.90 -8.87 -48.79
C ARG A 92 -3.37 -8.53 -49.05
N TYR A 93 -4.26 -9.51 -48.87
CA TYR A 93 -5.69 -9.27 -49.05
C TYR A 93 -6.22 -8.34 -47.98
N TRP A 94 -6.02 -8.69 -46.70
CA TRP A 94 -6.52 -7.87 -45.62
C TRP A 94 -5.85 -6.50 -45.59
N GLU A 95 -4.53 -6.46 -45.76
CA GLU A 95 -3.82 -5.19 -45.73
C GLU A 95 -4.11 -4.36 -46.98
N GLU A 96 -4.61 -4.98 -48.04
CA GLU A 96 -5.17 -4.27 -49.19
C GLU A 96 -6.69 -4.22 -49.16
N TYR A 97 -7.30 -4.43 -48.00
CA TYR A 97 -8.76 -4.42 -47.92
C TYR A 97 -9.28 -3.53 -46.79
N SER A 98 -8.50 -3.39 -45.71
CA SER A 98 -8.98 -2.68 -44.53
C SER A 98 -9.12 -1.18 -44.80
N LYS A 99 -8.03 -0.54 -45.26
CA LYS A 99 -8.07 0.89 -45.52
C LYS A 99 -9.12 1.23 -46.57
N GLY A 100 -9.26 0.38 -47.59
CA GLY A 100 -10.30 0.59 -48.58
C GLY A 100 -11.69 0.44 -48.00
N ALA A 101 -11.87 -0.48 -47.05
CA ALA A 101 -13.16 -0.64 -46.41
C ALA A 101 -13.53 0.59 -45.59
N ASP A 102 -12.57 1.11 -44.81
CA ASP A 102 -12.83 2.33 -44.04
C ASP A 102 -13.09 3.51 -44.95
N TYR A 103 -12.33 3.62 -46.05
CA TYR A 103 -12.56 4.70 -47.00
C TYR A 103 -13.94 4.59 -47.64
N MET A 104 -14.43 3.38 -47.88
CA MET A 104 -15.79 3.22 -48.39
C MET A 104 -16.82 3.59 -47.33
N ASP A 105 -16.53 3.30 -46.06
CA ASP A 105 -17.44 3.69 -44.99
C ASP A 105 -17.53 5.22 -44.89
N CYS A 106 -16.40 5.91 -45.06
CA CYS A 106 -16.44 7.36 -45.12
C CYS A 106 -17.09 7.84 -46.41
N LEU A 107 -17.06 7.01 -47.46
CA LEU A 107 -17.66 7.40 -48.73
C LEU A 107 -19.18 7.26 -48.73
N TYR A 108 -19.75 6.56 -47.76
CA TYR A 108 -21.18 6.34 -47.66
C TYR A 108 -21.75 7.00 -46.40
N ARG A 109 -21.31 8.23 -46.12
CA ARG A 109 -21.79 8.92 -44.93
C ARG A 109 -23.26 9.32 -45.08
N TYR A 110 -23.59 10.02 -46.16
CA TYR A 110 -24.99 10.39 -46.40
C TYR A 110 -25.85 9.17 -46.69
N LEU A 111 -25.27 8.09 -47.19
CA LEU A 111 -26.03 6.86 -47.39
C LEU A 111 -26.58 6.32 -46.09
N ASN A 112 -25.94 6.65 -44.96
CA ASN A 112 -26.35 6.11 -43.68
C ASN A 112 -26.89 7.14 -42.71
N THR A 113 -26.67 8.45 -42.95
CA THR A 113 -27.23 9.45 -42.05
C THR A 113 -28.75 9.57 -42.24
N GLN A 114 -29.24 9.26 -43.43
CA GLN A 114 -30.68 9.15 -43.69
C GLN A 114 -31.15 7.70 -43.63
N PHE A 115 -30.32 6.81 -43.08
CA PHE A 115 -30.64 5.39 -42.96
C PHE A 115 -30.59 4.90 -41.52
N ILE A 116 -30.04 5.68 -40.59
CA ILE A 116 -29.99 5.28 -39.20
C ILE A 116 -31.40 5.23 -38.60
N LYS A 117 -32.32 6.04 -39.12
CA LYS A 117 -33.68 6.06 -38.61
C LYS A 117 -34.54 4.88 -39.08
N LYS A 118 -34.00 3.99 -39.92
CA LYS A 118 -34.76 2.89 -40.50
C LYS A 118 -34.33 1.53 -39.97
N ASN A 119 -33.10 1.39 -39.47
CA ASN A 119 -32.71 0.20 -38.69
C ASN A 119 -33.07 0.49 -37.22
N PRO A 138 -31.79 -5.21 -39.65
CA PRO A 138 -30.70 -6.18 -39.74
C PRO A 138 -29.57 -5.74 -40.66
N LEU A 139 -28.34 -5.73 -40.13
CA LEU A 139 -27.12 -5.52 -40.90
C LEU A 139 -27.12 -4.16 -41.61
N MET A 140 -27.12 -3.10 -40.80
CA MET A 140 -26.84 -1.76 -41.28
C MET A 140 -25.34 -1.49 -41.16
N GLU A 141 -24.92 -0.23 -41.27
CA GLU A 141 -23.51 0.13 -41.09
C GLU A 141 -22.60 -0.59 -42.09
N ILE A 142 -22.70 -0.14 -43.34
CA ILE A 142 -22.01 -0.72 -44.50
C ILE A 142 -20.62 -1.23 -44.14
N GLY A 143 -19.86 -0.46 -43.36
CA GLY A 143 -18.58 -0.95 -42.86
C GLY A 143 -18.72 -2.25 -42.09
N GLU A 144 -19.63 -2.27 -41.11
CA GLU A 144 -19.92 -3.50 -40.38
C GLU A 144 -20.42 -4.60 -41.32
N LEU A 145 -21.07 -4.22 -42.43
CA LEU A 145 -21.55 -5.21 -43.37
C LEU A 145 -20.43 -5.74 -44.26
N ALA A 146 -19.50 -4.87 -44.65
CA ALA A 146 -18.34 -5.33 -45.43
C ALA A 146 -17.46 -6.24 -44.59
N LEU A 147 -17.18 -5.85 -43.34
CA LEU A 147 -16.47 -6.74 -42.43
C LEU A 147 -17.28 -7.99 -42.13
N ASP A 148 -18.60 -7.89 -42.18
CA ASP A 148 -19.44 -9.08 -42.11
C ASP A 148 -19.17 -10.00 -43.31
N MET A 149 -18.88 -9.41 -44.47
CA MET A 149 -18.55 -10.22 -45.63
C MET A 149 -17.16 -10.83 -45.50
N TRP A 150 -16.23 -10.13 -44.84
CA TRP A 150 -14.96 -10.75 -44.49
C TRP A 150 -15.17 -11.92 -43.54
N ARG A 151 -16.10 -11.78 -42.59
CA ARG A 151 -16.50 -12.91 -41.78
C ARG A 151 -17.05 -14.04 -42.65
N LYS A 152 -17.77 -13.69 -43.72
CA LYS A 152 -18.21 -14.70 -44.67
C LYS A 152 -17.04 -15.30 -45.43
N LEU A 153 -15.90 -14.62 -45.47
CA LEU A 153 -14.68 -15.22 -46.01
C LEU A 153 -14.03 -16.17 -45.02
N MET A 154 -14.17 -15.90 -43.71
CA MET A 154 -13.49 -16.73 -42.73
C MET A 154 -14.31 -17.92 -42.25
N VAL A 155 -15.65 -17.84 -42.30
CA VAL A 155 -16.49 -18.97 -41.89
C VAL A 155 -16.28 -20.17 -42.81
N GLU A 156 -15.71 -19.95 -43.99
CA GLU A 156 -15.37 -20.98 -44.97
C GLU A 156 -14.51 -22.05 -44.32
N PRO A 157 -14.35 -23.23 -44.94
CA PRO A 157 -13.45 -24.25 -44.35
C PRO A 157 -12.04 -23.74 -44.11
N LEU A 158 -11.71 -22.54 -44.57
CA LEU A 158 -10.47 -21.88 -44.18
C LEU A 158 -10.30 -21.86 -42.66
N GLN A 159 -11.37 -21.56 -41.94
CA GLN A 159 -11.29 -21.53 -40.47
C GLN A 159 -10.93 -22.89 -39.90
N ALA A 160 -11.18 -23.98 -40.63
CA ALA A 160 -10.63 -25.26 -40.25
C ALA A 160 -9.23 -25.47 -40.82
N ILE A 161 -9.00 -25.00 -42.04
CA ILE A 161 -7.69 -25.15 -42.67
C ILE A 161 -6.70 -24.16 -42.08
N LEU A 162 -7.00 -22.87 -42.16
CA LEU A 162 -6.01 -21.83 -41.87
C LEU A 162 -5.38 -22.00 -40.50
N ILE A 163 -6.20 -22.14 -39.46
CA ILE A 163 -5.64 -22.28 -38.11
C ILE A 163 -4.73 -23.50 -38.04
N ARG A 164 -5.15 -24.61 -38.65
CA ARG A 164 -4.29 -25.79 -38.72
C ARG A 164 -3.00 -25.47 -39.45
N MET A 165 -3.10 -24.70 -40.54
CA MET A 165 -1.91 -24.26 -41.26
C MET A 165 -1.19 -23.15 -40.51
N LEU A 166 -1.88 -22.45 -39.60
CA LEU A 166 -1.27 -21.34 -38.87
C LEU A 166 -0.51 -21.84 -37.65
N LEU A 167 -1.15 -22.67 -36.81
CA LEU A 167 -0.47 -23.25 -35.67
C LEU A 167 0.74 -24.07 -36.09
N ARG A 168 0.73 -24.60 -37.32
CA ARG A 168 1.89 -25.35 -37.82
C ARG A 168 3.12 -24.47 -37.89
N GLU A 169 2.94 -23.16 -38.09
CA GLU A 169 4.07 -22.24 -38.06
C GLU A 169 4.40 -21.79 -36.65
N ILE A 170 3.50 -22.00 -35.68
CA ILE A 170 3.84 -21.80 -34.28
C ILE A 170 4.31 -23.10 -33.65
N LYS A 171 3.80 -24.25 -34.11
CA LYS A 171 4.30 -25.55 -33.65
C LYS A 171 5.81 -25.64 -33.76
N ASN A 172 6.38 -25.00 -34.77
CA ASN A 172 7.84 -24.89 -34.87
C ASN A 172 8.33 -23.88 -33.84
N ASP A 173 8.16 -24.21 -32.56
CA ASP A 173 8.51 -23.32 -31.46
C ASP A 173 9.99 -23.47 -31.10
N ARG A 174 10.41 -24.68 -30.76
CA ARG A 174 11.80 -24.94 -30.43
C ARG A 174 12.63 -25.03 -31.71
N GLY A 175 13.49 -24.05 -31.93
CA GLY A 175 14.35 -24.03 -33.09
C GLY A 175 13.64 -23.93 -34.42
N GLY A 176 12.41 -23.42 -34.43
CA GLY A 176 11.65 -23.29 -35.66
C GLY A 176 11.34 -21.85 -36.01
N GLU A 177 12.32 -20.97 -35.83
CA GLU A 177 12.13 -19.53 -35.95
C GLU A 177 13.06 -18.98 -37.02
N ASP A 178 12.64 -17.91 -37.70
CA ASP A 178 11.35 -17.26 -37.48
C ASP A 178 10.67 -16.81 -38.78
N PRO A 179 9.36 -17.03 -38.86
CA PRO A 179 8.58 -16.47 -39.98
C PRO A 179 8.31 -14.99 -39.71
N ASN A 180 7.62 -14.36 -40.67
CA ASN A 180 7.29 -12.95 -40.55
C ASN A 180 6.28 -12.75 -39.43
N GLN A 181 6.72 -12.10 -38.35
CA GLN A 181 5.77 -11.66 -37.33
C GLN A 181 4.77 -10.65 -37.90
N LYS A 182 5.12 -10.00 -39.01
CA LYS A 182 4.19 -9.10 -39.68
C LYS A 182 3.04 -9.87 -40.32
N VAL A 183 3.35 -10.97 -41.01
CA VAL A 183 2.32 -11.73 -41.70
C VAL A 183 1.43 -12.46 -40.70
N ILE A 184 2.03 -13.24 -39.81
CA ILE A 184 1.25 -13.99 -38.83
C ILE A 184 0.55 -13.05 -37.86
N HIS A 185 1.22 -11.96 -37.46
CA HIS A 185 0.57 -10.98 -36.61
C HIS A 185 -0.60 -10.31 -37.32
N GLY A 186 -0.52 -10.17 -38.64
CA GLY A 186 -1.67 -9.67 -39.38
C GLY A 186 -2.79 -10.68 -39.49
N VAL A 187 -2.45 -11.96 -39.59
CA VAL A 187 -3.48 -13.00 -39.71
C VAL A 187 -4.23 -13.16 -38.39
N ILE A 188 -3.48 -13.29 -37.28
CA ILE A 188 -4.13 -13.46 -35.97
C ILE A 188 -4.78 -12.16 -35.53
N ASN A 189 -4.08 -11.03 -35.72
CA ASN A 189 -4.65 -9.73 -35.36
C ASN A 189 -5.86 -9.40 -36.23
N SER A 190 -5.97 -9.99 -37.40
CA SER A 190 -7.12 -9.76 -38.27
C SER A 190 -8.42 -10.29 -37.69
N PHE A 191 -8.36 -11.13 -36.66
CA PHE A 191 -9.58 -11.69 -36.09
C PHE A 191 -10.27 -10.72 -35.15
N VAL A 192 -9.52 -10.02 -34.32
CA VAL A 192 -10.11 -8.99 -33.44
C VAL A 192 -10.05 -7.69 -34.23
N HIS A 193 -10.99 -7.56 -35.17
CA HIS A 193 -11.29 -6.26 -35.77
C HIS A 193 -12.77 -6.05 -36.04
N VAL A 194 -13.57 -7.11 -36.13
CA VAL A 194 -14.93 -7.06 -36.64
C VAL A 194 -15.89 -7.27 -35.48
N GLU A 195 -16.68 -6.23 -35.18
CA GLU A 195 -17.73 -6.34 -34.18
C GLU A 195 -18.67 -5.14 -34.31
N GLN A 196 -19.96 -5.39 -34.07
CA GLN A 196 -20.98 -4.35 -34.09
C GLN A 196 -20.61 -3.15 -33.22
N PHE A 201 -19.14 -8.19 -26.41
CA PHE A 201 -18.49 -9.46 -26.74
C PHE A 201 -17.66 -9.43 -28.03
N PRO A 202 -16.66 -8.52 -28.10
CA PRO A 202 -15.86 -8.44 -29.33
C PRO A 202 -14.89 -9.59 -29.50
N LEU A 203 -14.36 -10.14 -28.40
CA LEU A 203 -13.38 -11.21 -28.44
C LEU A 203 -14.01 -12.58 -28.66
N LYS A 204 -15.27 -12.65 -29.08
CA LYS A 204 -15.96 -13.93 -29.19
C LYS A 204 -15.37 -14.78 -30.31
N PHE A 205 -15.27 -14.22 -31.52
CA PHE A 205 -14.73 -14.96 -32.65
C PHE A 205 -13.29 -15.39 -32.39
N TYR A 206 -12.49 -14.46 -31.87
CA TYR A 206 -11.10 -14.77 -31.52
C TYR A 206 -11.01 -15.90 -30.50
N GLN A 207 -11.88 -15.87 -29.48
CA GLN A 207 -11.81 -16.87 -28.43
C GLN A 207 -12.24 -18.24 -28.93
N GLU A 208 -13.36 -18.30 -29.66
CA GLU A 208 -13.87 -19.60 -30.11
C GLU A 208 -12.99 -20.19 -31.19
N ILE A 209 -12.64 -19.40 -32.20
CA ILE A 209 -11.94 -19.94 -33.36
C ILE A 209 -10.49 -20.26 -33.04
N PHE A 210 -9.85 -19.47 -32.20
CA PHE A 210 -8.39 -19.56 -32.12
C PHE A 210 -7.86 -19.80 -30.71
N GLU A 211 -8.50 -19.26 -29.68
CA GLU A 211 -7.89 -19.28 -28.36
C GLU A 211 -8.00 -20.64 -27.68
N SER A 212 -9.11 -21.36 -27.90
CA SER A 212 -9.22 -22.70 -27.33
C SER A 212 -8.29 -23.70 -28.01
N PRO A 213 -8.25 -23.80 -29.35
CA PRO A 213 -7.31 -24.77 -29.95
C PRO A 213 -5.86 -24.47 -29.64
N PHE A 214 -5.45 -23.20 -29.75
CA PHE A 214 -4.08 -22.84 -29.40
C PHE A 214 -3.81 -23.12 -27.93
N LEU A 215 -4.80 -22.86 -27.06
CA LEU A 215 -4.63 -23.07 -25.63
C LEU A 215 -4.38 -24.54 -25.32
N THR A 216 -5.31 -25.41 -25.74
CA THR A 216 -5.16 -26.82 -25.43
C THR A 216 -3.99 -27.45 -26.17
N GLU A 217 -3.63 -26.93 -27.35
CA GLU A 217 -2.54 -27.52 -28.11
C GLU A 217 -1.18 -27.15 -27.53
N THR A 218 -1.02 -25.91 -27.07
CA THR A 218 0.18 -25.59 -26.31
C THR A 218 0.19 -26.29 -24.96
N GLY A 219 -1.00 -26.59 -24.41
CA GLY A 219 -1.06 -27.41 -23.21
C GLY A 219 -0.49 -28.79 -23.44
N GLU A 220 -0.92 -29.46 -24.52
CA GLU A 220 -0.33 -30.74 -24.89
C GLU A 220 1.16 -30.60 -25.16
N TYR A 221 1.56 -29.51 -25.84
CA TYR A 221 2.96 -29.29 -26.17
C TYR A 221 3.82 -29.26 -24.91
N TYR A 222 3.39 -28.51 -23.90
CA TYR A 222 4.19 -28.39 -22.68
C TYR A 222 3.96 -29.53 -21.69
N LYS A 223 2.92 -30.34 -21.86
CA LYS A 223 2.88 -31.62 -21.17
C LYS A 223 3.93 -32.58 -21.72
N GLN A 224 3.90 -32.78 -23.05
CA GLN A 224 4.85 -33.69 -23.68
C GLN A 224 6.28 -33.25 -23.46
N GLU A 225 6.57 -31.95 -23.67
CA GLU A 225 7.92 -31.46 -23.45
C GLU A 225 8.22 -31.27 -21.96
N ALA A 226 7.20 -31.19 -21.11
CA ALA A 226 7.44 -31.24 -19.67
C ALA A 226 8.02 -32.60 -19.27
N SER A 227 7.36 -33.68 -19.70
CA SER A 227 7.89 -35.01 -19.41
C SER A 227 9.20 -35.27 -20.14
N ASN A 228 9.38 -34.68 -21.32
CA ASN A 228 10.63 -34.87 -22.05
C ASN A 228 11.79 -34.18 -21.36
N LEU A 229 11.56 -32.97 -20.83
CA LEU A 229 12.61 -32.28 -20.11
C LEU A 229 12.91 -32.93 -18.77
N LEU A 230 11.87 -33.37 -18.06
CA LEU A 230 12.07 -33.91 -16.72
C LEU A 230 12.88 -35.21 -16.74
N GLN A 231 12.81 -35.97 -17.85
CA GLN A 231 13.61 -37.18 -17.99
C GLN A 231 15.08 -36.88 -18.28
N GLU A 232 15.39 -35.65 -18.68
CA GLU A 232 16.71 -35.31 -19.21
C GLU A 232 17.64 -34.69 -18.18
N SER A 233 17.17 -33.70 -17.42
CA SER A 233 18.05 -32.79 -16.70
C SER A 233 18.05 -33.05 -15.21
N ASN A 234 19.04 -32.46 -14.54
CA ASN A 234 19.10 -32.42 -13.09
C ASN A 234 18.07 -31.42 -12.56
N CYS A 235 17.85 -31.46 -11.24
CA CYS A 235 16.79 -30.64 -10.64
C CYS A 235 17.03 -29.15 -10.89
N SER A 236 18.17 -28.64 -10.45
CA SER A 236 18.48 -27.23 -10.68
C SER A 236 18.55 -26.91 -12.16
N GLN A 237 19.04 -27.85 -12.97
CA GLN A 237 19.07 -27.65 -14.41
C GLN A 237 17.66 -27.63 -14.98
N TYR A 238 16.76 -28.45 -14.43
CA TYR A 238 15.36 -28.41 -14.84
C TYR A 238 14.73 -27.06 -14.53
N MET A 239 14.96 -26.55 -13.32
CA MET A 239 14.35 -25.27 -12.95
C MET A 239 14.91 -24.13 -13.78
N GLU A 240 16.24 -24.10 -13.97
CA GLU A 240 16.85 -23.11 -14.85
C GLU A 240 16.22 -23.16 -16.24
N LYS A 241 16.09 -24.38 -16.78
CA LYS A 241 15.59 -24.55 -18.14
C LYS A 241 14.14 -24.08 -18.26
N VAL A 242 13.28 -24.50 -17.33
CA VAL A 242 11.87 -24.12 -17.43
C VAL A 242 11.70 -22.62 -17.21
N LEU A 243 12.54 -22.02 -16.38
CA LEU A 243 12.46 -20.57 -16.19
C LEU A 243 12.82 -19.85 -17.49
N GLY A 244 13.90 -20.27 -18.15
CA GLY A 244 14.22 -19.70 -19.45
C GLY A 244 13.12 -19.93 -20.46
N ARG A 245 12.50 -21.10 -20.44
CA ARG A 245 11.41 -21.40 -21.37
C ARG A 245 10.24 -20.46 -21.17
N LEU A 246 9.87 -20.18 -19.92
CA LEU A 246 8.78 -19.25 -19.67
C LEU A 246 9.15 -17.84 -20.10
N LYS A 247 10.38 -17.39 -19.76
CA LYS A 247 10.80 -16.05 -20.13
C LYS A 247 10.80 -15.87 -21.66
N ASP A 248 11.12 -16.93 -22.40
CA ASP A 248 10.98 -16.87 -23.85
C ASP A 248 9.51 -16.87 -24.27
N GLU A 249 8.70 -17.70 -23.59
CA GLU A 249 7.32 -17.89 -24.00
C GLU A 249 6.54 -16.59 -23.91
N GLU A 250 6.79 -15.77 -22.89
CA GLU A 250 6.09 -14.50 -22.80
C GLU A 250 6.42 -13.58 -23.97
N ILE A 251 7.71 -13.49 -24.32
CA ILE A 251 8.11 -12.67 -25.45
C ILE A 251 7.47 -13.18 -26.74
N ARG A 252 7.35 -14.50 -26.88
CA ARG A 252 6.68 -15.07 -28.05
C ARG A 252 5.21 -14.65 -28.10
N CYS A 253 4.48 -14.84 -27.00
CA CYS A 253 3.08 -14.45 -26.95
C CYS A 253 2.91 -12.96 -27.25
N ARG A 254 3.89 -12.14 -26.86
CA ARG A 254 3.83 -10.72 -27.18
C ARG A 254 4.21 -10.44 -28.63
N LYS A 255 4.91 -11.37 -29.29
CA LYS A 255 5.20 -11.20 -30.71
C LYS A 255 4.00 -11.58 -31.57
N TYR A 256 3.28 -12.63 -31.20
CA TYR A 256 2.23 -13.16 -32.06
C TYR A 256 0.82 -12.82 -31.60
N LEU A 257 0.49 -13.11 -30.34
CA LEU A 257 -0.90 -13.12 -29.91
C LEU A 257 -1.37 -11.72 -29.53
N HIS A 258 -2.66 -11.63 -29.20
CA HIS A 258 -3.26 -10.42 -28.64
C HIS A 258 -3.06 -10.39 -27.13
N PRO A 259 -2.96 -9.21 -26.53
CA PRO A 259 -2.72 -9.13 -25.08
C PRO A 259 -3.81 -9.76 -24.24
N SER A 260 -5.04 -9.86 -24.75
CA SER A 260 -6.15 -10.41 -23.99
C SER A 260 -5.92 -11.85 -23.53
N SER A 261 -4.84 -12.50 -23.98
CA SER A 261 -4.53 -13.86 -23.59
C SER A 261 -3.21 -13.98 -22.85
N TYR A 262 -2.47 -12.89 -22.65
CA TYR A 262 -1.15 -12.99 -22.04
C TYR A 262 -1.21 -13.66 -20.67
N THR A 263 -2.19 -13.28 -19.86
CA THR A 263 -2.32 -13.89 -18.54
C THR A 263 -2.78 -15.34 -18.63
N LYS A 264 -3.54 -15.68 -19.67
CA LYS A 264 -4.11 -17.02 -19.75
C LYS A 264 -3.09 -18.03 -20.28
N VAL A 265 -2.45 -17.73 -21.41
CA VAL A 265 -1.57 -18.69 -22.07
C VAL A 265 -0.48 -19.15 -21.12
N ILE A 266 0.28 -18.20 -20.56
CA ILE A 266 1.34 -18.55 -19.62
C ILE A 266 0.78 -19.34 -18.45
N HIS A 267 -0.45 -19.04 -18.02
CA HIS A 267 -1.05 -19.76 -16.91
C HIS A 267 -1.17 -21.25 -17.20
N GLU A 268 -1.32 -21.62 -18.47
CA GLU A 268 -1.26 -23.03 -18.83
C GLU A 268 0.16 -23.55 -18.73
N CYS A 269 1.12 -22.80 -19.29
CA CYS A 269 2.52 -23.23 -19.28
C CYS A 269 3.00 -23.53 -17.87
N GLN A 270 2.94 -22.52 -16.99
CA GLN A 270 3.38 -22.70 -15.61
C GLN A 270 2.58 -23.78 -14.89
N GLN A 271 1.43 -24.17 -15.43
CA GLN A 271 0.62 -25.21 -14.81
C GLN A 271 1.05 -26.61 -15.22
N ARG A 272 1.73 -26.74 -16.36
CA ARG A 272 2.16 -28.05 -16.86
C ARG A 272 3.64 -28.32 -16.68
N MET A 273 4.49 -27.29 -16.82
CA MET A 273 5.91 -27.48 -16.55
C MET A 273 6.19 -27.44 -15.05
N VAL A 274 5.45 -26.63 -14.30
CA VAL A 274 5.51 -26.58 -12.85
C VAL A 274 4.09 -26.88 -12.35
N ALA A 275 4.01 -27.33 -11.09
CA ALA A 275 2.75 -27.59 -10.41
C ALA A 275 2.07 -28.85 -10.96
N ASP A 276 2.62 -29.39 -12.04
CA ASP A 276 2.18 -30.66 -12.58
C ASP A 276 3.08 -31.80 -12.15
N HIS A 277 4.21 -31.48 -11.50
CA HIS A 277 5.16 -32.46 -11.00
C HIS A 277 5.57 -32.14 -9.57
N LEU A 278 4.78 -31.30 -8.88
CA LEU A 278 5.27 -30.59 -7.69
C LEU A 278 5.73 -31.52 -6.58
N GLN A 279 5.33 -32.80 -6.60
CA GLN A 279 5.91 -33.75 -5.64
C GLN A 279 7.43 -33.80 -5.78
N PHE A 280 7.92 -33.78 -7.03
CA PHE A 280 9.36 -33.86 -7.27
C PHE A 280 10.08 -32.65 -6.67
N LEU A 281 9.65 -31.45 -7.05
CA LEU A 281 10.27 -30.24 -6.52
C LEU A 281 10.21 -30.22 -5.00
N HIS A 282 9.01 -30.44 -4.43
CA HIS A 282 8.88 -30.50 -2.98
C HIS A 282 9.83 -31.53 -2.36
N ALA A 283 10.14 -32.60 -3.11
CA ALA A 283 11.05 -33.61 -2.58
C ALA A 283 12.49 -33.13 -2.59
N GLU A 284 12.92 -32.44 -3.66
CA GLU A 284 14.27 -31.90 -3.68
C GLU A 284 14.44 -30.69 -2.78
N CYS A 285 13.35 -30.11 -2.29
CA CYS A 285 13.45 -28.94 -1.41
C CYS A 285 14.25 -29.26 -0.15
N HIS A 286 13.95 -30.39 0.50
CA HIS A 286 14.69 -30.77 1.71
C HIS A 286 16.20 -30.68 1.51
N ASN A 287 16.69 -31.13 0.36
CA ASN A 287 18.11 -30.98 0.05
C ASN A 287 18.47 -29.52 -0.20
N ILE A 288 17.68 -28.84 -1.02
CA ILE A 288 18.12 -27.53 -1.52
C ILE A 288 18.15 -26.48 -0.42
N ILE A 289 17.23 -26.54 0.56
CA ILE A 289 17.26 -25.56 1.63
C ILE A 289 18.35 -25.84 2.66
N ARG A 290 18.95 -27.03 2.64
CA ARG A 290 20.11 -27.34 3.46
C ARG A 290 21.41 -27.20 2.69
N GLN A 291 21.36 -26.52 1.55
CA GLN A 291 22.52 -25.98 0.87
C GLN A 291 22.36 -24.48 0.75
N GLU A 292 23.35 -23.74 1.25
CA GLU A 292 23.30 -22.29 1.20
C GLU A 292 23.29 -21.75 -0.23
N LYS A 293 23.58 -22.60 -1.21
CA LYS A 293 23.55 -22.21 -2.61
C LYS A 293 22.23 -22.62 -3.26
N ASN A 295 21.12 -20.15 -5.04
CA ASN A 295 20.61 -19.84 -6.37
C ASN A 295 19.51 -20.80 -6.76
N ASP A 296 19.83 -22.09 -6.65
CA ASP A 296 18.84 -23.14 -6.91
C ASP A 296 17.61 -22.94 -6.04
N MET A 297 17.82 -22.49 -4.80
CA MET A 297 16.72 -22.26 -3.88
C MET A 297 15.94 -21.00 -4.23
N ALA A 298 16.63 -20.00 -4.77
CA ALA A 298 15.94 -18.81 -5.27
C ALA A 298 14.99 -19.18 -6.41
N ASN A 299 15.49 -19.93 -7.40
CA ASN A 299 14.61 -20.42 -8.46
C ASN A 299 13.51 -21.31 -7.90
N MET A 300 13.81 -22.08 -6.86
CA MET A 300 12.78 -22.90 -6.20
C MET A 300 11.63 -22.03 -5.71
N TYR A 301 11.94 -20.95 -4.98
CA TYR A 301 10.91 -20.01 -4.57
C TYR A 301 10.15 -19.45 -5.77
N VAL A 302 10.90 -18.99 -6.79
CA VAL A 302 10.28 -18.35 -7.95
C VAL A 302 9.22 -19.26 -8.56
N LEU A 303 9.56 -20.54 -8.74
CA LEU A 303 8.63 -21.45 -9.41
C LEU A 303 7.51 -21.89 -8.48
N LEU A 304 7.83 -22.27 -7.23
CA LEU A 304 6.79 -22.72 -6.33
C LEU A 304 5.78 -21.62 -5.98
N ARG A 305 6.15 -20.35 -6.16
CA ARG A 305 5.27 -19.27 -5.72
C ARG A 305 4.05 -19.14 -6.62
N ALA A 306 4.22 -19.32 -7.93
CA ALA A 306 3.12 -19.20 -8.88
C ALA A 306 2.26 -20.45 -8.95
N VAL A 307 2.33 -21.30 -7.93
CA VAL A 307 1.63 -22.57 -7.87
C VAL A 307 0.52 -22.46 -6.84
N SER A 308 -0.54 -23.25 -7.04
CA SER A 308 -1.60 -23.36 -6.04
C SER A 308 -1.03 -23.66 -4.67
N THR A 309 -0.30 -24.78 -4.54
CA THR A 309 0.35 -25.17 -3.29
C THR A 309 1.81 -25.53 -3.60
N GLY A 310 2.66 -24.51 -3.63
CA GLY A 310 4.09 -24.75 -3.84
C GLY A 310 4.97 -24.44 -2.65
N LEU A 311 4.64 -23.35 -1.94
CA LEU A 311 5.47 -22.80 -0.87
C LEU A 311 5.44 -23.51 0.48
N PRO A 312 4.31 -24.09 0.93
CA PRO A 312 4.25 -24.55 2.33
C PRO A 312 5.34 -25.55 2.71
N HIS A 313 5.61 -26.56 1.87
CA HIS A 313 6.65 -27.53 2.20
C HIS A 313 8.02 -26.85 2.31
N MET A 314 8.33 -25.97 1.36
CA MET A 314 9.61 -25.27 1.38
C MET A 314 9.76 -24.45 2.66
N ILE A 315 8.72 -23.69 3.01
CA ILE A 315 8.75 -22.88 4.23
C ILE A 315 8.97 -23.78 5.45
N GLN A 316 8.21 -24.88 5.52
CA GLN A 316 8.38 -25.84 6.60
C GLN A 316 9.83 -26.30 6.72
N GLU A 317 10.45 -26.61 5.57
CA GLU A 317 11.82 -27.10 5.60
C GLU A 317 12.81 -26.03 6.01
N LEU A 318 12.56 -24.76 5.65
CA LEU A 318 13.43 -23.71 6.17
C LEU A 318 13.29 -23.57 7.68
N GLN A 319 12.06 -23.68 8.20
CA GLN A 319 11.86 -23.67 9.64
C GLN A 319 12.67 -24.78 10.30
N ASN A 320 12.59 -26.00 9.77
CA ASN A 320 13.30 -27.12 10.39
C ASN A 320 14.81 -26.94 10.28
N HIS A 321 15.28 -26.47 9.13
CA HIS A 321 16.70 -26.15 8.96
C HIS A 321 17.19 -25.18 10.04
N ILE A 322 16.49 -24.05 10.20
CA ILE A 322 16.94 -23.05 11.14
C ILE A 322 16.83 -23.55 12.57
N HIS A 323 15.82 -24.37 12.87
CA HIS A 323 15.78 -25.04 14.16
C HIS A 323 17.03 -25.87 14.40
N ASP A 324 17.45 -26.64 13.39
CA ASP A 324 18.59 -27.52 13.54
C ASP A 324 19.89 -26.73 13.72
N GLU A 325 20.22 -25.87 12.76
CA GLU A 325 21.48 -25.12 12.87
C GLU A 325 21.49 -24.23 14.10
N GLY A 326 20.37 -23.59 14.41
CA GLY A 326 20.27 -22.74 15.59
C GLY A 326 20.51 -23.52 16.87
N LEU A 327 19.72 -24.58 17.08
CA LEU A 327 19.91 -25.42 18.26
C LEU A 327 21.35 -25.92 18.34
N ARG A 328 21.93 -26.22 17.18
CA ARG A 328 23.32 -26.68 17.11
C ARG A 328 24.27 -25.61 17.63
N ALA A 329 24.02 -24.34 17.27
CA ALA A 329 24.86 -23.26 17.78
C ALA A 329 24.69 -23.10 19.28
N THR A 330 23.45 -23.04 19.76
CA THR A 330 23.19 -22.80 21.18
C THR A 330 23.36 -24.05 22.04
N SER A 331 23.87 -25.14 21.49
CA SER A 331 24.14 -26.34 22.27
C SER A 331 25.61 -26.53 22.61
N ASN A 332 26.52 -25.98 21.80
CA ASN A 332 27.97 -26.14 21.86
C ASN A 332 28.62 -25.37 23.03
N LEU A 333 27.82 -24.84 23.97
CA LEU A 333 28.32 -23.93 25.00
C LEU A 333 28.15 -24.50 26.40
N THR A 334 27.97 -25.81 26.53
CA THR A 334 27.69 -26.41 27.82
C THR A 334 28.90 -26.34 28.74
N GLN A 335 28.64 -26.10 30.03
CA GLN A 335 29.63 -26.00 31.10
C GLN A 335 30.54 -24.79 30.92
N GLU A 336 30.38 -24.03 29.84
CA GLU A 336 31.28 -22.93 29.51
C GLU A 336 30.92 -21.64 30.22
N ASN A 337 29.91 -21.67 31.09
CA ASN A 337 29.46 -20.56 31.94
C ASN A 337 29.59 -19.20 31.26
N MET A 338 28.94 -19.07 30.11
CA MET A 338 28.93 -17.82 29.36
C MET A 338 27.54 -17.51 28.79
N PRO A 339 26.88 -16.45 29.25
CA PRO A 339 25.66 -16.00 28.59
C PRO A 339 25.97 -15.16 27.36
N THR A 340 27.14 -14.52 27.36
CA THR A 340 27.53 -13.69 26.21
C THR A 340 27.63 -14.52 24.93
N LEU A 341 28.18 -15.74 25.04
CA LEU A 341 28.28 -16.61 23.87
C LEU A 341 26.92 -17.09 23.41
N PHE A 342 25.97 -17.23 24.34
CA PHE A 342 24.61 -17.64 23.97
C PHE A 342 23.87 -16.53 23.25
N VAL A 343 23.94 -15.31 23.78
CA VAL A 343 23.32 -14.16 23.11
C VAL A 343 23.96 -13.94 21.74
N GLU A 344 25.29 -13.86 21.71
CA GLU A 344 25.98 -13.62 20.44
C GLU A 344 25.73 -14.75 19.45
N SER A 345 25.49 -15.96 19.95
CA SER A 345 25.21 -17.08 19.05
C SER A 345 23.82 -16.95 18.42
N VAL A 346 22.81 -16.70 19.25
CA VAL A 346 21.45 -16.54 18.70
C VAL A 346 21.41 -15.37 17.73
N LEU A 347 22.03 -14.25 18.10
CA LEU A 347 22.11 -13.10 17.19
C LEU A 347 22.85 -13.45 15.91
N GLU A 348 23.88 -14.30 16.02
CA GLU A 348 24.63 -14.74 14.85
C GLU A 348 23.75 -15.51 13.88
N VAL A 349 22.95 -16.45 14.42
CA VAL A 349 22.02 -17.20 13.57
C VAL A 349 21.02 -16.27 12.92
N HIS A 350 20.42 -15.38 13.72
CA HIS A 350 19.41 -14.47 13.18
C HIS A 350 19.97 -13.64 12.03
N GLY A 351 21.19 -13.10 12.20
CA GLY A 351 21.81 -12.36 11.11
C GLY A 351 22.04 -13.23 9.89
N LYS A 352 22.59 -14.42 10.09
CA LYS A 352 22.78 -15.38 9.01
C LYS A 352 21.52 -15.50 8.15
N PHE A 353 20.40 -15.89 8.78
CA PHE A 353 19.21 -16.21 8.00
C PHE A 353 18.42 -14.99 7.55
N VAL A 354 18.62 -13.82 8.17
CA VAL A 354 18.05 -12.61 7.59
C VAL A 354 18.79 -12.24 6.32
N GLN A 355 20.13 -12.35 6.34
CA GLN A 355 20.91 -12.24 5.11
C GLN A 355 20.39 -13.20 4.05
N LEU A 356 20.17 -14.46 4.44
CA LEU A 356 19.70 -15.46 3.50
C LEU A 356 18.36 -15.08 2.89
N ILE A 357 17.34 -14.88 3.75
CA ILE A 357 15.98 -14.70 3.26
C ILE A 357 15.86 -13.42 2.45
N ASN A 358 16.51 -12.34 2.91
CA ASN A 358 16.44 -11.10 2.13
C ASN A 358 17.24 -11.20 0.84
N THR A 359 18.29 -12.02 0.82
CA THR A 359 19.19 -12.03 -0.33
C THR A 359 18.57 -12.74 -1.52
N VAL A 360 18.05 -13.95 -1.32
CA VAL A 360 17.77 -14.86 -2.41
C VAL A 360 16.28 -15.07 -2.67
N LEU A 361 15.43 -14.92 -1.64
CA LEU A 361 14.05 -15.37 -1.74
C LEU A 361 13.07 -14.27 -2.11
N ASN A 362 13.55 -13.09 -2.56
CA ASN A 362 12.69 -11.92 -2.77
C ASN A 362 11.82 -11.66 -1.55
N GLY A 363 12.29 -12.08 -0.38
CA GLY A 363 11.39 -12.32 0.72
C GLY A 363 11.95 -11.94 2.07
N ASP A 364 11.11 -12.11 3.07
CA ASP A 364 9.72 -12.51 2.85
C ASP A 364 8.92 -12.01 4.03
N GLN A 365 7.73 -12.55 4.20
CA GLN A 365 7.09 -12.52 5.50
C GLN A 365 6.84 -13.91 6.03
N HIS A 366 6.46 -14.85 5.15
CA HIS A 366 6.29 -16.23 5.56
C HIS A 366 7.58 -16.81 6.11
N PHE A 367 8.64 -16.78 5.30
CA PHE A 367 9.92 -17.35 5.73
C PHE A 367 10.45 -16.65 6.97
N MET A 368 10.29 -15.32 7.04
CA MET A 368 10.68 -14.60 8.24
C MET A 368 9.94 -15.12 9.46
N SER A 369 8.64 -15.38 9.32
CA SER A 369 7.87 -15.93 10.44
C SER A 369 8.33 -17.33 10.80
N ALA A 370 8.74 -18.12 9.80
CA ALA A 370 9.28 -19.45 10.08
C ALA A 370 10.57 -19.35 10.89
N LEU A 371 11.46 -18.42 10.49
CA LEU A 371 12.65 -18.12 11.28
C LEU A 371 12.28 -17.77 12.71
N ASP A 372 11.27 -16.90 12.88
CA ASP A 372 10.87 -16.47 14.22
C ASP A 372 10.35 -17.64 15.05
N LYS A 373 9.58 -18.53 14.45
CA LYS A 373 9.08 -19.69 15.17
C LYS A 373 10.23 -20.61 15.57
N ALA A 374 11.13 -20.88 14.63
CA ALA A 374 12.25 -21.78 14.89
C ALA A 374 13.10 -21.25 16.05
N LEU A 375 13.63 -20.04 15.91
CA LEU A 375 14.40 -19.46 17.00
C LEU A 375 13.56 -19.28 18.26
N THR A 376 12.23 -19.22 18.13
CA THR A 376 11.38 -19.25 19.30
C THR A 376 11.51 -20.56 20.05
N SER A 377 11.59 -21.67 19.31
CA SER A 377 11.75 -22.98 19.95
C SER A 377 13.19 -23.26 20.36
N VAL A 378 14.17 -22.57 19.78
CA VAL A 378 15.56 -22.80 20.12
C VAL A 378 15.86 -22.32 21.54
N VAL A 379 15.30 -21.18 21.93
CA VAL A 379 15.78 -20.44 23.10
C VAL A 379 15.15 -20.99 24.37
N ASN A 380 14.45 -22.11 24.27
CA ASN A 380 13.81 -22.74 25.42
C ASN A 380 14.27 -24.19 25.52
N TYR A 381 15.09 -24.49 26.52
CA TYR A 381 15.63 -25.83 26.72
C TYR A 381 14.75 -26.63 27.65
N ARG A 382 14.58 -27.91 27.34
CA ARG A 382 13.80 -28.83 28.18
C ARG A 382 14.69 -30.05 28.40
N GLU A 383 15.65 -29.94 29.33
CA GLU A 383 16.62 -31.03 29.44
C GLU A 383 16.16 -32.16 30.35
N PRO A 384 15.72 -31.89 31.60
CA PRO A 384 15.40 -33.11 32.36
C PRO A 384 13.91 -33.30 32.56
N SER A 386 17.53 -26.05 32.91
CA SER A 386 16.64 -26.83 33.75
C SER A 386 16.02 -26.01 34.89
N VAL A 387 14.95 -25.26 34.60
CA VAL A 387 14.34 -25.14 33.29
C VAL A 387 13.68 -23.75 33.26
N CYS A 388 13.88 -22.97 32.20
CA CYS A 388 14.63 -23.39 31.02
C CYS A 388 15.93 -22.63 30.84
N LYS A 389 16.48 -22.11 31.95
CA LYS A 389 17.84 -21.56 32.05
C LYS A 389 18.11 -20.40 31.09
N ALA A 390 17.11 -20.01 30.31
CA ALA A 390 17.25 -18.89 29.37
C ALA A 390 17.07 -17.53 30.05
N PRO A 391 16.00 -17.31 30.83
CA PRO A 391 15.78 -15.95 31.35
C PRO A 391 16.87 -15.48 32.31
N GLU A 392 17.33 -16.33 33.22
CA GLU A 392 18.37 -15.91 34.15
C GLU A 392 19.64 -15.51 33.41
N LEU A 393 20.06 -16.31 32.43
CA LEU A 393 21.23 -15.93 31.64
C LEU A 393 20.99 -14.61 30.91
N LEU A 394 19.78 -14.40 30.41
CA LEU A 394 19.48 -13.13 29.76
C LEU A 394 19.32 -11.99 30.76
N ALA A 395 19.34 -12.28 32.06
CA ALA A 395 19.41 -11.25 33.08
C ALA A 395 20.86 -10.93 33.48
N LYS A 396 21.70 -11.97 33.59
CA LYS A 396 23.11 -11.75 33.85
C LYS A 396 23.87 -11.21 32.65
N TYR A 397 23.28 -11.28 31.46
CA TYR A 397 23.88 -10.59 30.32
C TYR A 397 23.72 -9.08 30.47
N CYS A 398 22.53 -8.63 30.89
CA CYS A 398 22.30 -7.21 31.12
C CYS A 398 23.09 -6.73 32.33
N ASP A 399 22.86 -7.37 33.48
CA ASP A 399 23.60 -7.03 34.70
C ASP A 399 25.11 -7.07 34.46
N ASN A 400 25.57 -8.07 33.72
CA ASN A 400 27.00 -8.16 33.43
C ASN A 400 27.44 -7.01 32.52
N LEU A 401 26.61 -6.64 31.54
CA LEU A 401 26.96 -5.61 30.58
C LEU A 401 26.74 -4.20 31.09
N LEU A 402 26.23 -4.04 32.33
CA LEU A 402 26.03 -2.72 32.90
C LEU A 402 27.01 -2.37 34.01
N LYS A 403 27.72 -3.35 34.56
CA LYS A 403 28.64 -3.07 35.66
C LYS A 403 29.82 -2.23 35.17
N LYS A 404 30.62 -1.77 36.14
CA LYS A 404 31.73 -0.88 35.83
C LYS A 404 32.84 -1.59 35.07
N SER A 405 33.37 -2.67 35.67
CA SER A 405 34.43 -3.50 35.06
C SER A 405 35.65 -2.67 34.69
N ALA A 406 36.29 -2.11 35.73
CA ALA A 406 37.49 -1.32 35.54
C ALA A 406 38.75 -2.18 35.58
N GLY A 408 38.37 -2.53 30.66
CA GLY A 408 37.00 -2.97 30.46
C GLY A 408 36.46 -2.63 29.08
N MET A 409 35.14 -2.46 28.99
CA MET A 409 34.49 -2.12 27.73
C MET A 409 34.40 -0.61 27.58
N THR A 410 33.61 -0.17 26.61
CA THR A 410 33.47 1.24 26.28
C THR A 410 32.00 1.54 26.03
N GLU A 411 31.50 2.62 26.62
CA GLU A 411 30.14 3.06 26.32
C GLU A 411 30.10 3.70 24.93
N ASN A 412 28.91 4.16 24.53
CA ASN A 412 28.51 4.42 23.15
C ASN A 412 28.47 3.12 22.37
N GLU A 413 28.79 2.00 23.01
CA GLU A 413 28.74 0.65 22.46
C GLU A 413 27.83 -0.27 23.25
N VAL A 414 27.75 -0.07 24.58
CA VAL A 414 26.87 -0.89 25.41
C VAL A 414 25.42 -0.74 24.97
N GLU A 415 25.03 0.48 24.58
CA GLU A 415 23.66 0.69 24.11
C GLU A 415 23.44 0.01 22.77
N ASP A 416 24.48 -0.10 21.94
CA ASP A 416 24.38 -0.90 20.72
C ASP A 416 24.17 -2.37 21.05
N ARG A 417 24.98 -2.90 21.97
CA ARG A 417 24.87 -4.32 22.34
C ARG A 417 23.49 -4.62 22.92
N LEU A 418 22.94 -3.67 23.69
CA LEU A 418 21.57 -3.85 24.19
C LEU A 418 20.57 -3.78 23.05
N THR A 419 20.77 -2.86 22.11
CA THR A 419 19.91 -2.79 20.92
C THR A 419 19.89 -4.12 20.19
N SER A 420 21.01 -4.85 20.17
CA SER A 420 21.00 -6.21 19.67
C SER A 420 20.23 -7.13 20.62
N PHE A 421 20.44 -6.98 21.93
CA PHE A 421 19.79 -7.83 22.92
C PHE A 421 18.28 -7.80 22.84
N ILE A 422 17.71 -6.71 22.29
CA ILE A 422 16.25 -6.58 22.21
C ILE A 422 15.62 -7.79 21.52
N THR A 423 16.30 -8.39 20.55
CA THR A 423 15.74 -9.51 19.82
C THR A 423 15.72 -10.77 20.67
N VAL A 424 16.88 -11.18 21.18
CA VAL A 424 16.95 -12.36 22.04
C VAL A 424 15.99 -12.23 23.19
N PHE A 425 15.78 -11.01 23.70
CA PHE A 425 14.70 -10.80 24.67
C PHE A 425 13.35 -11.05 24.02
N LYS A 426 13.18 -10.60 22.77
CA LYS A 426 11.90 -10.74 22.09
C LYS A 426 11.46 -12.19 22.02
N TYR A 427 12.40 -13.11 21.80
CA TYR A 427 12.00 -14.51 21.62
C TYR A 427 11.75 -15.26 22.92
N ILE A 428 12.06 -14.69 24.08
CA ILE A 428 11.94 -15.44 25.32
C ILE A 428 10.49 -15.86 25.55
N ASP A 429 10.31 -17.13 25.95
CA ASP A 429 8.97 -17.63 26.26
C ASP A 429 8.48 -17.07 27.58
N ASP A 430 9.30 -17.16 28.63
CA ASP A 430 8.97 -16.67 29.96
C ASP A 430 9.67 -15.33 30.17
N LYS A 431 8.98 -14.24 29.81
CA LYS A 431 9.44 -12.91 30.20
C LYS A 431 9.23 -12.66 31.67
N ASP A 432 8.35 -13.44 32.31
CA ASP A 432 8.08 -13.35 33.74
C ASP A 432 9.36 -13.42 34.56
N VAL A 433 10.07 -14.55 34.49
CA VAL A 433 11.23 -14.76 35.34
C VAL A 433 12.36 -13.83 34.93
N PHE A 434 12.40 -13.43 33.66
CA PHE A 434 13.35 -12.40 33.26
C PHE A 434 13.10 -11.09 33.99
N GLN A 435 11.83 -10.70 34.13
CA GLN A 435 11.51 -9.51 34.92
C GLN A 435 11.94 -9.69 36.37
N LYS A 436 11.42 -10.73 37.03
CA LYS A 436 11.72 -10.91 38.45
C LYS A 436 13.21 -11.01 38.73
N PHE A 437 14.00 -11.53 37.78
CA PHE A 437 15.45 -11.55 38.00
C PHE A 437 16.08 -10.19 37.75
N TYR A 438 15.70 -9.51 36.67
CA TYR A 438 16.28 -8.20 36.39
C TYR A 438 15.93 -7.20 37.48
N ALA A 439 14.87 -7.47 38.26
CA ALA A 439 14.55 -6.63 39.40
C ALA A 439 15.65 -6.67 40.44
N ARG A 440 16.10 -7.87 40.82
CA ARG A 440 17.20 -7.97 41.78
C ARG A 440 18.54 -7.57 41.16
N MET A 441 18.74 -7.86 39.87
CA MET A 441 19.91 -7.35 39.16
C MET A 441 20.03 -5.85 39.35
N LEU A 442 18.93 -5.12 39.12
CA LEU A 442 18.93 -3.67 39.26
C LEU A 442 19.00 -3.25 40.72
N ALA A 443 18.39 -4.02 41.63
CA ALA A 443 18.42 -3.67 43.04
C ALA A 443 19.85 -3.66 43.56
N LYS A 444 20.54 -4.80 43.46
CA LYS A 444 21.95 -4.84 43.83
C LYS A 444 22.77 -3.87 42.99
N ARG A 445 22.34 -3.62 41.74
CA ARG A 445 23.10 -2.73 40.87
C ARG A 445 22.96 -1.26 41.27
N LEU A 446 21.99 -0.91 42.11
CA LEU A 446 21.83 0.47 42.57
C LEU A 446 22.18 0.67 44.03
N ILE A 447 21.63 -0.15 44.94
CA ILE A 447 21.79 0.08 46.36
C ILE A 447 23.25 -0.03 46.80
N HIS A 448 24.15 -0.43 45.92
CA HIS A 448 25.58 -0.50 46.25
C HIS A 448 26.44 0.20 45.20
N GLY A 449 25.85 1.18 44.50
CA GLY A 449 26.63 2.01 43.58
C GLY A 449 27.43 1.23 42.57
N LEU A 450 26.83 0.19 41.98
CA LEU A 450 27.55 -0.67 41.05
C LEU A 450 27.35 -0.28 39.60
N SER A 451 26.32 0.51 39.29
CA SER A 451 26.01 0.85 37.91
C SER A 451 27.10 1.74 37.31
N MET A 452 27.01 1.95 36.00
CA MET A 452 27.98 2.77 35.29
C MET A 452 27.39 4.05 34.72
N SER A 453 26.08 4.10 34.48
CA SER A 453 25.45 5.29 33.92
C SER A 453 23.97 5.26 34.26
N MET A 454 23.52 6.24 35.06
CA MET A 454 22.08 6.39 35.31
C MET A 454 21.34 6.72 34.02
N ASP A 455 21.89 7.64 33.23
CA ASP A 455 21.28 8.03 31.97
C ASP A 455 21.08 6.83 31.05
N SER A 456 21.98 5.85 31.11
CA SER A 456 21.88 4.68 30.25
C SER A 456 20.95 3.62 30.85
N GLU A 457 21.14 3.31 32.14
CA GLU A 457 20.28 2.31 32.78
C GLU A 457 18.82 2.73 32.77
N GLU A 458 18.53 4.02 32.68
CA GLU A 458 17.16 4.43 32.40
C GLU A 458 16.74 4.00 31.00
N ALA A 459 17.58 4.28 30.00
CA ALA A 459 17.26 3.96 28.61
C ALA A 459 17.06 2.46 28.41
N MET A 460 17.71 1.63 29.23
CA MET A 460 17.42 0.20 29.20
C MET A 460 15.97 -0.07 29.57
N ILE A 461 15.50 0.53 30.67
CA ILE A 461 14.12 0.36 31.07
C ILE A 461 13.18 0.98 30.03
N ASN A 462 13.66 1.98 29.29
CA ASN A 462 12.92 2.49 28.15
C ASN A 462 12.79 1.41 27.06
N LYS A 463 13.87 0.64 26.84
CA LYS A 463 13.81 -0.45 25.88
C LYS A 463 12.78 -1.50 26.29
N LEU A 464 12.92 -2.02 27.52
CA LEU A 464 11.95 -3.01 28.01
C LEU A 464 10.53 -2.46 27.96
N LYS A 465 10.38 -1.16 28.22
CA LYS A 465 9.04 -0.56 28.22
C LYS A 465 8.46 -0.52 26.81
N GLN A 466 9.26 -0.09 25.83
CA GLN A 466 8.80 -0.08 24.45
C GLN A 466 8.67 -1.48 23.87
N ALA A 467 9.18 -2.49 24.56
CA ALA A 467 9.02 -3.87 24.11
C ALA A 467 7.80 -4.55 24.71
N CYS A 468 7.43 -4.22 25.95
CA CYS A 468 6.31 -4.89 26.62
C CYS A 468 5.15 -3.94 26.91
N GLY A 469 5.38 -2.86 27.64
CA GLY A 469 4.32 -1.94 27.98
C GLY A 469 4.54 -1.34 29.35
N TYR A 470 3.50 -0.66 29.84
CA TYR A 470 3.60 0.06 31.12
C TYR A 470 3.59 -0.90 32.31
N GLU A 471 2.75 -1.93 32.27
CA GLU A 471 2.66 -2.85 33.42
C GLU A 471 3.98 -3.56 33.68
N PHE A 472 4.76 -3.82 32.63
CA PHE A 472 5.93 -4.66 32.78
C PHE A 472 7.09 -3.92 33.43
N THR A 473 7.20 -2.61 33.20
CA THR A 473 8.36 -1.83 33.64
C THR A 473 7.98 -0.73 34.61
N SER A 474 6.94 -0.94 35.43
CA SER A 474 6.52 0.09 36.38
C SER A 474 7.39 0.06 37.64
N LYS A 475 7.41 -1.09 38.33
CA LYS A 475 8.26 -1.25 39.50
C LYS A 475 9.72 -0.94 39.17
N LEU A 476 10.15 -1.27 37.95
CA LEU A 476 11.48 -0.86 37.52
C LEU A 476 11.57 0.65 37.40
N HIS A 477 10.51 1.30 36.90
CA HIS A 477 10.59 2.73 36.64
C HIS A 477 10.68 3.54 37.92
N ARG A 478 9.68 3.42 38.80
CA ARG A 478 9.78 4.16 40.05
C ARG A 478 10.82 3.57 40.99
N MET A 479 11.18 2.30 40.79
CA MET A 479 12.37 1.75 41.42
C MET A 479 13.62 2.50 40.99
N TYR A 480 13.60 3.06 39.78
CA TYR A 480 14.66 3.96 39.32
C TYR A 480 14.45 5.39 39.77
N THR A 481 13.20 5.78 40.05
CA THR A 481 12.91 7.15 40.46
C THR A 481 13.27 7.39 41.93
N ASP A 482 13.16 6.36 42.77
CA ASP A 482 13.49 6.53 44.19
C ASP A 482 14.92 6.96 44.42
N MET A 483 15.79 6.92 43.40
CA MET A 483 17.13 7.46 43.57
C MET A 483 17.13 8.98 43.44
N SER A 484 16.34 9.51 42.51
CA SER A 484 16.17 10.96 42.42
C SER A 484 15.38 11.50 43.60
N VAL A 485 14.24 10.87 43.90
CA VAL A 485 13.45 11.24 45.08
C VAL A 485 14.30 11.13 46.33
N SER A 486 15.17 10.12 46.39
CA SER A 486 16.04 9.98 47.55
C SER A 486 17.11 11.06 47.60
N ALA A 487 17.60 11.51 46.44
CA ALA A 487 18.57 12.59 46.42
C ALA A 487 17.95 13.89 46.92
N ASP A 488 16.86 14.31 46.28
CA ASP A 488 16.17 15.53 46.72
C ASP A 488 15.75 15.44 48.17
N LEU A 489 15.27 14.28 48.60
CA LEU A 489 14.88 14.09 49.99
C LEU A 489 16.07 14.27 50.92
N ASN A 490 17.24 13.72 50.53
CA ASN A 490 18.45 13.94 51.33
C ASN A 490 18.80 15.42 51.41
N ASN A 491 18.62 16.16 50.31
CA ASN A 491 18.83 17.61 50.38
C ASN A 491 17.90 18.26 51.40
N LYS A 492 16.62 17.92 51.35
CA LYS A 492 15.65 18.50 52.28
C LYS A 492 16.03 18.22 53.72
N PHE A 493 16.49 17.00 54.01
CA PHE A 493 16.99 16.75 55.36
C PHE A 493 18.26 17.54 55.66
N ASN A 494 19.10 17.79 54.65
CA ASN A 494 20.27 18.62 54.89
C ASN A 494 19.87 20.03 55.29
N ASN A 495 18.73 20.51 54.80
CA ASN A 495 18.25 21.82 55.25
C ASN A 495 17.62 21.74 56.64
N PHE A 496 16.74 20.76 56.86
CA PHE A 496 16.10 20.59 58.17
C PHE A 496 17.09 20.24 59.27
N ILE A 497 18.32 19.88 58.93
CA ILE A 497 19.30 19.45 59.94
C ILE A 497 19.60 20.59 60.89
N LYS A 498 20.15 21.69 60.37
CA LYS A 498 20.42 22.89 61.15
C LYS A 498 19.33 23.92 60.84
N ASN A 499 18.16 23.74 61.47
CA ASN A 499 17.09 24.71 61.27
C ASN A 499 16.34 25.01 62.57
N GLN A 500 16.95 24.64 63.69
CA GLN A 500 16.41 24.88 65.03
C GLN A 500 17.52 25.34 65.98
N ASP A 501 17.41 24.98 67.26
CA ASP A 501 18.42 25.36 68.26
C ASP A 501 19.52 24.30 68.31
N THR A 502 20.78 24.75 68.38
CA THR A 502 21.91 23.82 68.41
C THR A 502 21.75 22.93 67.19
N VAL A 503 22.41 21.78 67.10
CA VAL A 503 22.13 21.00 65.90
C VAL A 503 21.60 19.62 66.28
N SER A 509 26.93 11.92 60.58
CA SER A 509 27.16 12.41 59.22
C SER A 509 26.97 11.27 58.22
N PHE A 510 25.95 11.37 57.37
CA PHE A 510 25.45 10.18 56.69
C PHE A 510 24.47 10.61 55.59
N GLN A 511 24.11 9.65 54.74
CA GLN A 511 23.16 9.84 53.66
C GLN A 511 22.35 8.57 53.46
N ILE A 512 21.08 8.72 53.10
CA ILE A 512 20.12 7.61 53.09
C ILE A 512 19.45 7.49 51.73
N TYR A 513 19.17 6.24 51.34
CA TYR A 513 18.29 5.92 50.23
C TYR A 513 16.92 5.49 50.78
N VAL A 514 15.85 5.98 50.15
CA VAL A 514 14.48 5.67 50.56
C VAL A 514 13.72 5.13 49.35
N LEU A 515 12.91 4.09 49.59
CA LEU A 515 12.42 3.22 48.53
C LEU A 515 10.91 3.03 48.68
N GLN A 516 10.21 2.88 47.55
CA GLN A 516 8.75 2.89 47.56
C GLN A 516 8.15 1.61 48.17
N ALA A 517 8.98 0.64 48.56
CA ALA A 517 8.63 -0.50 49.41
C ALA A 517 7.67 -1.50 48.77
N GLY A 518 7.23 -1.26 47.54
CA GLY A 518 6.41 -2.25 46.86
C GLY A 518 7.05 -2.67 45.55
N ALA A 519 7.90 -1.78 45.03
CA ALA A 519 8.61 -2.00 43.78
C ALA A 519 9.99 -2.62 43.99
N TRP A 520 10.31 -3.02 45.22
CA TRP A 520 11.65 -3.50 45.56
C TRP A 520 11.58 -4.91 46.13
N PRO A 521 12.12 -5.90 45.44
CA PRO A 521 12.06 -7.28 45.95
C PRO A 521 12.98 -7.56 47.13
N LEU A 522 13.94 -6.67 47.40
CA LEU A 522 14.87 -6.89 48.49
C LEU A 522 14.12 -7.05 49.81
N THR A 523 14.59 -8.00 50.62
CA THR A 523 13.99 -8.31 51.91
C THR A 523 14.93 -7.91 53.04
N GLN A 524 14.42 -8.01 54.27
CA GLN A 524 15.15 -7.54 55.43
C GLN A 524 16.24 -8.52 55.88
N ALA A 525 16.03 -9.83 55.67
CA ALA A 525 16.95 -10.88 56.06
C ALA A 525 17.39 -10.73 57.52
N PRO A 526 16.48 -10.91 58.49
CA PRO A 526 16.80 -10.64 59.90
C PRO A 526 17.63 -11.75 60.53
N PRO A 533 23.13 -4.74 67.27
CA PRO A 533 21.73 -4.77 66.85
C PRO A 533 20.95 -3.63 67.50
N GLN A 534 21.45 -3.15 68.62
CA GLN A 534 20.88 -1.97 69.26
C GLN A 534 21.54 -0.71 68.71
N GLU A 535 20.88 0.42 68.93
CA GLU A 535 21.37 1.69 68.41
C GLU A 535 22.78 1.98 68.93
N LEU A 536 23.57 2.65 68.10
CA LEU A 536 24.96 2.94 68.39
C LEU A 536 25.17 4.46 68.44
N GLU A 537 26.42 4.90 68.48
CA GLU A 537 26.66 6.33 68.52
C GLU A 537 25.33 7.05 68.37
N LYS A 538 24.32 6.31 67.88
CA LYS A 538 22.99 6.85 67.68
C LYS A 538 22.92 7.80 66.48
N SER A 539 22.03 8.80 66.58
CA SER A 539 21.83 9.82 65.54
C SER A 539 20.75 9.54 64.49
N VAL A 540 19.98 8.45 64.65
CA VAL A 540 18.94 8.17 63.68
C VAL A 540 17.67 8.96 63.98
N GLN A 541 17.29 9.07 65.25
CA GLN A 541 16.05 9.75 65.61
C GLN A 541 16.16 11.27 65.43
N MET A 542 17.31 11.87 65.70
CA MET A 542 17.47 13.29 65.41
C MET A 542 17.27 13.58 63.94
N PHE A 543 17.22 12.55 63.10
CA PHE A 543 16.94 12.65 61.68
C PHE A 543 15.55 12.16 61.30
N GLU A 544 14.99 11.23 62.07
CA GLU A 544 13.78 10.53 61.66
C GLU A 544 12.53 11.38 61.84
N LEU A 545 12.56 12.36 62.76
CA LEU A 545 11.43 13.26 62.91
C LEU A 545 11.16 14.07 61.65
N PHE A 546 12.12 14.13 60.73
CA PHE A 546 11.90 14.84 59.47
C PHE A 546 10.93 14.09 58.56
N TYR A 547 11.08 12.76 58.45
CA TYR A 547 10.24 12.02 57.53
C TYR A 547 8.82 11.85 58.06
N SER A 548 8.61 12.08 59.36
CA SER A 548 7.26 12.04 59.93
C SER A 548 6.50 13.34 59.68
N GLN A 549 7.20 14.47 59.71
CA GLN A 549 6.55 15.76 59.50
C GLN A 549 6.40 16.11 58.03
N HIS A 550 7.24 15.55 57.15
CA HIS A 550 7.19 15.92 55.74
C HIS A 550 6.08 15.18 55.00
N PHE A 551 5.83 13.92 55.34
CA PHE A 551 4.75 13.15 54.75
C PHE A 551 3.66 12.90 55.77
N SER A 552 2.44 12.71 55.26
CA SER A 552 1.26 12.67 56.12
C SER A 552 1.32 11.49 57.10
N GLY A 553 1.29 10.27 56.58
CA GLY A 553 1.23 9.10 57.43
C GLY A 553 2.11 7.96 56.98
N ARG A 554 3.22 8.26 56.34
CA ARG A 554 4.11 7.22 55.83
C ARG A 554 4.90 6.60 56.98
N LYS A 555 4.84 5.27 57.07
CA LYS A 555 5.58 4.51 58.07
C LYS A 555 6.82 3.94 57.40
N LEU A 556 8.00 4.36 57.87
CA LEU A 556 9.25 3.82 57.36
C LEU A 556 9.77 2.72 58.28
N THR A 557 10.43 1.73 57.68
CA THR A 557 11.09 0.66 58.39
C THR A 557 12.56 0.63 58.00
N TRP A 558 13.43 0.51 58.99
CA TRP A 558 14.87 0.58 58.76
C TRP A 558 15.42 -0.79 58.36
N LEU A 559 16.15 -0.82 57.25
CA LEU A 559 16.87 -2.00 56.82
C LEU A 559 18.32 -1.89 57.24
N HIS A 560 18.84 -2.95 57.88
CA HIS A 560 20.22 -2.96 58.35
C HIS A 560 21.11 -3.90 57.55
N TYR A 561 20.53 -4.72 56.68
CA TYR A 561 21.29 -5.71 55.93
C TYR A 561 22.23 -5.09 54.92
N LEU A 562 22.06 -3.81 54.59
CA LEU A 562 22.80 -3.18 53.50
C LEU A 562 23.33 -1.81 53.93
N CYS A 563 23.96 -1.75 55.10
CA CYS A 563 24.43 -0.50 55.68
C CYS A 563 25.95 -0.52 55.82
N THR A 564 26.59 0.59 55.47
CA THR A 564 28.04 0.66 55.44
C THR A 564 28.58 1.41 56.66
N GLY A 565 29.89 1.64 56.67
CA GLY A 565 30.57 2.41 57.71
C GLY A 565 31.65 3.27 57.08
N GLU A 566 32.74 3.52 57.80
CA GLU A 566 33.86 4.26 57.23
C GLU A 566 35.15 3.46 57.37
N VAL A 567 35.63 2.97 56.22
CA VAL A 567 36.85 2.21 55.99
C VAL A 567 38.09 3.09 56.15
N LYS A 568 39.27 2.52 55.88
CA LYS A 568 40.52 3.27 55.84
C LYS A 568 41.05 3.67 57.22
N MET A 569 41.52 2.67 57.97
CA MET A 569 42.34 2.85 59.15
C MET A 569 43.43 3.90 58.97
N ASN A 570 43.78 4.59 60.06
CA ASN A 570 44.90 5.55 60.05
C ASN A 570 46.13 4.92 60.70
N LEU A 572 47.76 4.56 57.45
CA LEU A 572 47.82 3.11 57.35
C LEU A 572 46.45 2.47 57.54
N LYS A 574 46.04 5.10 53.62
CA LYS A 574 45.90 5.73 52.31
C LYS A 574 45.73 4.74 51.15
N PRO A 575 46.60 3.70 51.05
CA PRO A 575 46.45 2.82 49.88
C PRO A 575 45.11 2.09 49.85
N VAL A 577 43.23 -1.98 51.19
CA VAL A 577 42.03 -2.78 51.04
C VAL A 577 40.87 -2.12 51.79
N ALA A 578 40.95 -2.13 53.12
CA ALA A 578 40.05 -1.37 53.98
C ALA A 578 38.58 -1.77 53.73
N MET A 579 38.25 -2.99 54.15
CA MET A 579 36.88 -3.48 54.09
C MET A 579 36.32 -3.52 55.51
N VAL A 580 35.68 -2.43 55.93
CA VAL A 580 34.87 -2.42 57.14
C VAL A 580 33.63 -1.53 56.94
N THR A 581 32.49 -2.17 56.71
CA THR A 581 31.22 -1.46 56.57
C THR A 581 30.17 -1.93 57.55
N THR A 582 29.93 -3.23 57.63
CA THR A 582 29.00 -3.84 58.56
C THR A 582 29.76 -4.25 59.83
N TYR A 583 29.17 -5.13 60.63
CA TYR A 583 29.86 -5.80 61.73
C TYR A 583 30.25 -4.79 62.81
N GLN A 584 29.23 -4.15 63.41
CA GLN A 584 29.43 -3.00 64.29
C GLN A 584 29.70 -3.50 65.71
N MET A 585 30.96 -3.85 65.97
CA MET A 585 31.37 -4.34 67.28
C MET A 585 32.34 -3.39 67.97
N ALA A 586 33.48 -3.10 67.34
CA ALA A 586 34.42 -2.06 67.79
C ALA A 586 34.77 -2.20 69.27
N VAL A 587 35.21 -3.40 69.65
CA VAL A 587 35.67 -3.69 71.02
C VAL A 587 34.58 -3.41 72.05
N SER A 594 40.27 -6.60 75.31
CA SER A 594 41.64 -7.06 75.15
C SER A 594 42.20 -6.67 73.78
N GLU A 595 41.94 -7.51 72.79
CA GLU A 595 42.44 -7.28 71.44
C GLU A 595 41.31 -7.37 70.42
N VAL A 597 39.74 -9.94 71.79
CA VAL A 597 39.26 -11.12 72.50
C VAL A 597 38.87 -12.17 71.48
N SER A 598 38.92 -13.44 71.86
CA SER A 598 38.60 -14.54 70.96
C SER A 598 37.10 -14.54 70.64
N TYR A 599 36.69 -15.52 69.82
CA TYR A 599 35.30 -15.53 69.34
C TYR A 599 34.37 -16.18 70.37
N LYS A 600 34.78 -17.30 70.95
CA LYS A 600 33.95 -18.02 71.91
C LYS A 600 34.17 -17.53 73.34
N GLU A 601 35.03 -16.54 73.53
CA GLU A 601 35.25 -15.92 74.83
C GLU A 601 34.42 -14.67 75.05
N LEU A 602 33.79 -14.13 74.01
CA LEU A 602 32.79 -13.09 74.11
C LEU A 602 31.51 -13.52 73.40
N GLN A 603 31.07 -14.74 73.68
CA GLN A 603 29.75 -15.18 73.26
C GLN A 603 28.65 -14.32 73.88
N ASP A 604 28.96 -13.64 74.99
CA ASP A 604 27.98 -12.83 75.72
C ASP A 604 27.96 -11.39 75.20
N SER A 605 27.65 -11.26 73.91
CA SER A 605 27.52 -9.95 73.30
C SER A 605 26.23 -9.27 73.79
N THR A 606 25.97 -8.09 73.26
CA THR A 606 24.78 -7.32 73.65
C THR A 606 23.55 -7.95 72.99
N GLN A 607 22.41 -7.26 73.09
CA GLN A 607 21.14 -7.86 72.67
C GLN A 607 21.13 -8.01 71.15
N MET A 608 21.34 -9.26 70.70
CA MET A 608 21.34 -9.61 69.29
C MET A 608 21.32 -11.13 69.17
N ASN A 609 20.60 -11.62 68.17
CA ASN A 609 20.39 -13.06 68.00
C ASN A 609 21.52 -13.67 67.17
N GLU A 610 21.85 -14.92 67.48
CA GLU A 610 22.93 -15.64 66.83
C GLU A 610 22.52 -16.28 65.51
N LYS A 611 21.44 -15.82 64.88
CA LYS A 611 21.05 -16.36 63.57
C LYS A 611 22.10 -16.04 62.52
N GLU A 612 22.33 -14.75 62.27
CA GLU A 612 23.40 -14.30 61.39
C GLU A 612 24.57 -13.70 62.14
N LEU A 613 24.46 -13.54 63.46
CA LEU A 613 25.59 -13.07 64.25
C LEU A 613 26.75 -14.06 64.19
N THR A 614 26.45 -15.35 64.36
CA THR A 614 27.49 -16.38 64.34
C THR A 614 28.18 -16.46 62.99
N LYS A 615 27.52 -16.03 61.91
CA LYS A 615 28.11 -16.03 60.58
C LYS A 615 28.96 -14.80 60.32
N THR A 616 29.05 -13.87 61.29
CA THR A 616 29.74 -12.60 61.08
C THR A 616 30.77 -12.31 62.16
N ILE A 617 31.06 -13.26 63.05
CA ILE A 617 32.01 -13.02 64.13
C ILE A 617 33.44 -12.98 63.60
N SER A 619 33.84 -13.20 60.59
CA SER A 619 34.10 -12.59 59.29
C SER A 619 35.15 -11.51 59.41
N LEU A 620 35.16 -10.80 60.55
CA LEU A 620 36.19 -9.79 60.77
C LEU A 620 37.50 -10.40 61.27
N LEU A 621 37.41 -11.48 62.04
CA LEU A 621 38.58 -12.25 62.44
C LEU A 621 39.04 -13.23 61.38
N ASP A 622 38.64 -13.00 60.13
CA ASP A 622 38.98 -13.88 59.02
C ASP A 622 39.69 -13.18 57.88
N VAL A 623 39.51 -11.87 57.69
CA VAL A 623 39.96 -11.25 56.46
C VAL A 623 41.34 -10.60 56.62
N LYS A 624 41.40 -9.50 57.38
CA LYS A 624 42.68 -8.80 57.49
C LYS A 624 43.06 -8.38 58.90
N MET A 625 42.09 -7.93 59.70
CA MET A 625 42.38 -7.02 60.80
C MET A 625 42.43 -7.69 62.17
N ILE A 626 41.72 -8.80 62.36
CA ILE A 626 41.82 -9.58 63.59
C ILE A 626 42.40 -10.97 63.33
N ASN A 627 42.04 -11.58 62.20
CA ASN A 627 42.57 -12.88 61.78
C ASN A 627 42.45 -13.92 62.88
N GLU A 638 40.50 -22.16 68.73
CA GLU A 638 41.00 -20.80 68.92
C GLU A 638 42.34 -20.80 69.66
N SER A 639 43.37 -20.28 69.01
CA SER A 639 44.71 -20.24 69.59
C SER A 639 45.20 -18.83 69.84
N SER A 640 45.28 -17.99 68.79
CA SER A 640 45.75 -16.62 68.94
C SER A 640 45.40 -15.81 67.69
N PHE A 641 44.71 -14.68 67.88
CA PHE A 641 44.24 -13.84 66.78
C PHE A 641 44.86 -12.45 66.94
N SER A 642 45.70 -12.07 65.99
CA SER A 642 46.53 -10.86 66.10
C SER A 642 46.01 -9.75 65.20
N LEU A 643 46.28 -8.51 65.61
CA LEU A 643 45.82 -7.34 64.86
C LEU A 643 46.68 -7.10 63.62
N ASN A 644 46.07 -6.48 62.62
CA ASN A 644 46.73 -6.24 61.35
C ASN A 644 47.76 -5.14 61.47
N MET A 645 48.77 -5.20 60.60
CA MET A 645 49.86 -4.22 60.58
C MET A 645 49.81 -3.29 59.38
N ASN A 646 48.84 -3.44 58.48
CA ASN A 646 48.74 -2.57 57.32
C ASN A 646 47.36 -2.71 56.70
N PHE A 647 46.95 -1.68 55.97
CA PHE A 647 45.71 -1.68 55.18
C PHE A 647 44.48 -1.92 56.07
N THR A 664 23.86 -15.64 47.25
CA THR A 664 23.38 -15.36 45.90
C THR A 664 22.81 -16.57 45.13
N PRO A 665 23.33 -17.81 45.35
CA PRO A 665 22.62 -18.97 44.80
C PRO A 665 21.33 -19.25 45.54
N GLN A 666 21.41 -19.24 46.88
CA GLN A 666 20.23 -19.48 47.70
C GLN A 666 19.23 -18.33 47.56
N GLU A 667 19.75 -17.10 47.41
CA GLU A 667 18.90 -15.95 47.14
C GLU A 667 17.98 -16.22 45.96
N MET A 668 18.53 -16.75 44.87
CA MET A 668 17.71 -17.10 43.72
C MET A 668 16.81 -18.30 44.03
N GLU A 669 17.34 -19.26 44.81
CA GLU A 669 16.57 -20.44 45.18
C GLU A 669 15.22 -20.07 45.80
N GLN A 670 15.24 -19.22 46.83
CA GLN A 670 13.97 -18.76 47.39
C GLN A 670 13.35 -17.59 46.63
N THR A 671 14.08 -17.01 45.67
CA THR A 671 13.47 -16.03 44.78
C THR A 671 12.54 -16.69 43.76
N ARG A 672 12.73 -17.99 43.50
CA ARG A 672 11.90 -18.71 42.53
C ARG A 672 10.44 -18.84 42.94
N SER A 673 10.01 -18.32 44.10
CA SER A 673 8.63 -18.44 44.55
C SER A 673 7.81 -17.19 44.31
N ALA A 674 8.42 -16.01 44.46
CA ALA A 674 7.73 -14.76 44.16
C ALA A 674 7.22 -14.75 42.73
N VAL A 675 7.89 -15.46 41.83
CA VAL A 675 7.36 -15.63 40.48
C VAL A 675 6.06 -16.43 40.53
N ASP A 676 6.00 -17.45 41.36
CA ASP A 676 4.80 -18.27 41.46
C ASP A 676 3.63 -17.44 41.98
N GLU A 677 3.81 -16.74 43.10
CA GLU A 677 2.69 -15.98 43.64
C GLU A 677 2.34 -14.79 42.76
N ASP A 678 3.33 -14.18 42.10
CA ASP A 678 3.03 -13.13 41.13
C ASP A 678 2.21 -13.67 39.96
N ARG A 679 2.45 -14.92 39.56
CA ARG A 679 1.61 -15.54 38.55
C ARG A 679 0.19 -15.76 39.07
N LYS A 680 0.06 -16.16 40.34
CA LYS A 680 -1.28 -16.32 40.91
C LYS A 680 -2.03 -14.99 40.92
N MET A 681 -1.35 -13.90 41.27
CA MET A 681 -1.99 -12.59 41.25
C MET A 681 -2.36 -12.17 39.84
N TYR A 682 -1.46 -12.39 38.88
CA TYR A 682 -1.70 -11.97 37.51
C TYR A 682 -2.88 -12.73 36.91
N LEU A 683 -2.90 -14.04 37.09
CA LEU A 683 -4.02 -14.84 36.58
C LEU A 683 -5.32 -14.50 37.30
N GLN A 684 -5.25 -14.17 38.60
CA GLN A 684 -6.43 -13.65 39.31
C GLN A 684 -6.98 -12.42 38.63
N ALA A 685 -6.11 -11.45 38.36
CA ALA A 685 -6.52 -10.24 37.64
C ALA A 685 -7.15 -10.58 36.30
N ALA A 686 -6.59 -11.57 35.59
CA ALA A 686 -7.20 -12.01 34.34
C ALA A 686 -8.61 -12.56 34.56
N ILE A 687 -8.79 -13.33 35.63
CA ILE A 687 -10.09 -13.93 35.93
C ILE A 687 -11.14 -12.84 36.13
N VAL A 688 -10.83 -11.84 36.96
CA VAL A 688 -11.81 -10.78 37.23
C VAL A 688 -12.04 -9.96 35.97
N ARG A 689 -10.96 -9.53 35.32
CA ARG A 689 -11.07 -8.72 34.11
C ARG A 689 -11.96 -9.37 33.05
N ILE A 690 -11.87 -10.70 32.93
CA ILE A 690 -12.67 -11.38 31.92
C ILE A 690 -14.10 -11.59 32.41
N MET A 691 -14.27 -11.98 33.68
CA MET A 691 -15.60 -12.29 34.19
C MET A 691 -16.48 -11.05 34.35
N LYS A 692 -15.91 -9.85 34.38
CA LYS A 692 -16.75 -8.67 34.51
C LYS A 692 -17.34 -8.25 33.16
N ALA A 693 -16.50 -8.11 32.15
CA ALA A 693 -16.97 -7.58 30.87
C ALA A 693 -18.01 -8.49 30.23
N ARG A 694 -17.67 -9.75 30.04
CA ARG A 694 -18.64 -10.75 29.58
C ARG A 694 -19.25 -11.43 30.80
N LYS A 695 -20.54 -11.74 30.71
CA LYS A 695 -21.32 -12.03 31.92
C LYS A 695 -21.05 -13.44 32.45
N VAL A 696 -21.30 -14.47 31.64
CA VAL A 696 -21.22 -15.85 32.08
C VAL A 696 -20.38 -16.66 31.09
N LEU A 697 -19.59 -17.59 31.61
CA LEU A 697 -18.81 -18.52 30.78
C LEU A 697 -18.85 -19.91 31.41
N ARG A 698 -18.79 -20.93 30.56
CA ARG A 698 -18.62 -22.28 31.05
C ARG A 698 -17.16 -22.51 31.43
N HIS A 699 -16.95 -23.49 32.32
CA HIS A 699 -15.64 -23.68 32.92
C HIS A 699 -14.53 -23.81 31.88
N ASN A 700 -14.81 -24.46 30.72
CA ASN A 700 -13.81 -24.61 29.67
C ASN A 700 -13.51 -23.32 28.98
N ALA A 701 -14.49 -22.45 28.89
CA ALA A 701 -14.40 -21.35 27.94
C ALA A 701 -13.67 -20.16 28.54
N LEU A 702 -13.76 -20.00 29.86
CA LEU A 702 -12.95 -19.03 30.57
C LEU A 702 -11.47 -19.31 30.38
N ILE A 703 -11.05 -20.55 30.60
CA ILE A 703 -9.74 -20.98 30.15
C ILE A 703 -9.71 -20.90 28.63
N GLN A 704 -8.49 -20.80 28.09
CA GLN A 704 -8.17 -20.50 26.69
C GLN A 704 -8.37 -19.02 26.41
N GLU A 705 -9.11 -18.34 27.29
CA GLU A 705 -9.19 -16.88 27.26
C GLU A 705 -8.31 -16.25 28.31
N VAL A 706 -8.23 -16.85 29.51
CA VAL A 706 -7.13 -16.51 30.40
C VAL A 706 -5.80 -16.73 29.68
N ILE A 707 -5.73 -17.84 28.95
CA ILE A 707 -4.54 -18.16 28.15
C ILE A 707 -4.35 -17.10 27.07
N SER A 708 -5.41 -16.80 26.33
CA SER A 708 -5.32 -15.77 25.29
C SER A 708 -4.82 -14.45 25.86
N GLN A 709 -5.25 -14.09 27.08
CA GLN A 709 -4.90 -12.79 27.63
C GLN A 709 -3.45 -12.76 28.11
N SER A 710 -3.04 -13.77 28.87
CA SER A 710 -1.70 -13.79 29.46
C SER A 710 -0.67 -14.44 28.52
N ARG A 711 -0.88 -14.33 27.20
CA ARG A 711 -0.01 -14.95 26.21
C ARG A 711 1.45 -14.48 26.36
N ALA A 712 1.67 -13.16 26.32
CA ALA A 712 3.01 -12.62 26.21
C ALA A 712 3.75 -12.53 27.53
N ARG A 713 3.06 -12.76 28.65
CA ARG A 713 3.74 -12.76 29.94
C ARG A 713 4.47 -14.08 30.16
N PHE A 714 3.78 -15.20 29.93
CA PHE A 714 4.30 -16.55 30.11
C PHE A 714 3.19 -17.50 29.67
N ASN A 715 3.55 -18.79 29.54
CA ASN A 715 2.56 -19.82 29.35
C ASN A 715 2.05 -20.27 30.72
N PRO A 716 0.83 -19.96 31.10
CA PRO A 716 0.38 -20.26 32.46
C PRO A 716 0.04 -21.72 32.66
N SER A 717 0.19 -22.16 33.90
CA SER A 717 -0.05 -23.55 34.25
C SER A 717 -1.54 -23.76 34.48
N ILE A 718 -2.15 -24.65 33.69
CA ILE A 718 -3.55 -25.00 33.89
C ILE A 718 -3.76 -25.57 35.28
N SER A 719 -2.70 -26.10 35.90
CA SER A 719 -2.78 -26.55 37.28
C SER A 719 -3.01 -25.40 38.26
N MET A 720 -2.76 -24.15 37.84
CA MET A 720 -2.89 -23.00 38.71
C MET A 720 -4.21 -22.26 38.52
N ILE A 721 -4.73 -22.20 37.29
CA ILE A 721 -5.91 -21.40 37.01
C ILE A 721 -7.13 -21.96 37.71
N LYS A 722 -7.25 -23.29 37.79
CA LYS A 722 -8.41 -23.90 38.44
C LYS A 722 -8.44 -23.57 39.93
N LYS A 723 -7.31 -23.76 40.62
CA LYS A 723 -7.23 -23.40 42.03
C LYS A 723 -7.44 -21.91 42.23
N CYS A 724 -6.99 -21.10 41.28
CA CYS A 724 -7.23 -19.66 41.34
C CYS A 724 -8.73 -19.37 41.30
N ILE A 725 -9.45 -20.04 40.39
CA ILE A 725 -10.91 -19.94 40.35
C ILE A 725 -11.50 -20.29 41.71
N GLU A 726 -11.15 -21.48 42.22
CA GLU A 726 -11.68 -21.92 43.50
C GLU A 726 -11.31 -21.00 44.65
N VAL A 727 -10.30 -20.15 44.47
CA VAL A 727 -10.01 -19.12 45.47
C VAL A 727 -10.92 -17.92 45.28
N LEU A 728 -11.14 -17.50 44.02
CA LEU A 728 -11.96 -16.32 43.78
C LEU A 728 -13.44 -16.55 44.03
N ILE A 729 -13.90 -17.81 44.04
CA ILE A 729 -15.29 -18.06 44.41
C ILE A 729 -15.52 -17.93 45.91
N ASP A 730 -14.47 -17.64 46.68
CA ASP A 730 -14.57 -17.44 48.12
C ASP A 730 -14.65 -15.98 48.51
N LYS A 731 -14.06 -15.09 47.72
CA LYS A 731 -14.03 -13.66 48.05
C LYS A 731 -15.43 -13.08 48.12
N TYR A 733 -16.05 -13.42 44.35
CA TYR A 733 -16.56 -12.58 43.28
C TYR A 733 -17.36 -13.42 42.28
N ILE A 734 -17.28 -14.74 42.42
CA ILE A 734 -17.77 -15.67 41.42
C ILE A 734 -18.62 -16.74 42.11
N GLU A 735 -19.72 -17.13 41.47
CA GLU A 735 -20.61 -18.17 41.96
C GLU A 735 -20.88 -19.18 40.86
N ARG A 736 -21.09 -20.44 41.26
CA ARG A 736 -21.44 -21.52 40.35
C ARG A 736 -22.55 -22.34 40.98
N SER A 737 -23.60 -22.63 40.19
CA SER A 737 -24.82 -23.22 40.74
C SER A 737 -24.84 -24.74 40.64
N GLN A 738 -24.78 -25.28 39.42
CA GLN A 738 -24.92 -26.72 39.23
C GLN A 738 -24.27 -27.11 37.91
N ALA A 739 -23.58 -28.25 37.92
CA ALA A 739 -22.83 -28.71 36.74
C ALA A 739 -23.58 -29.85 36.06
N SER A 740 -24.57 -29.47 35.25
CA SER A 740 -25.10 -30.33 34.19
C SER A 740 -24.59 -29.91 32.83
N ALA A 741 -24.61 -28.62 32.55
CA ALA A 741 -23.77 -27.98 31.54
C ALA A 741 -22.87 -27.00 32.29
N ASP A 742 -21.57 -27.02 31.97
CA ASP A 742 -20.61 -26.19 32.69
C ASP A 742 -21.05 -24.73 32.69
N GLU A 743 -20.88 -24.07 33.83
CA GLU A 743 -21.46 -22.76 34.04
C GLU A 743 -20.70 -22.04 35.15
N TYR A 744 -20.41 -20.76 34.92
CA TYR A 744 -19.72 -19.93 35.92
C TYR A 744 -20.23 -18.50 35.78
N SER A 745 -21.01 -18.07 36.76
CA SER A 745 -21.57 -16.73 36.77
C SER A 745 -20.69 -15.79 37.60
N TYR A 746 -21.06 -14.51 37.59
CA TYR A 746 -20.31 -13.48 38.28
C TYR A 746 -21.16 -12.83 39.36
N VAL A 747 -20.51 -12.44 40.45
CA VAL A 747 -21.15 -11.73 41.56
C VAL A 747 -20.42 -10.41 41.75
N ALA A 748 -21.17 -9.35 42.04
CA ALA A 748 -20.62 -8.01 42.18
C ALA A 748 -19.50 -7.94 43.23
N THR B 104 -26.59 22.75 -34.98
CA THR B 104 -26.54 22.13 -36.30
C THR B 104 -27.18 23.02 -37.35
N LEU B 105 -26.57 23.07 -38.54
CA LEU B 105 -27.09 23.91 -39.61
C LEU B 105 -28.38 23.32 -40.19
N LYS B 106 -28.41 22.01 -40.40
CA LYS B 106 -29.58 21.37 -40.99
C LYS B 106 -30.82 21.57 -40.14
N GLU B 107 -30.74 21.21 -38.86
CA GLU B 107 -31.94 21.19 -38.02
C GLU B 107 -32.40 22.61 -37.68
N ARG B 108 -31.46 23.55 -37.48
CA ARG B 108 -31.86 24.92 -37.19
C ARG B 108 -32.32 25.66 -38.43
N CYS B 109 -31.84 25.29 -39.61
CA CYS B 109 -32.45 25.80 -40.83
C CYS B 109 -33.86 25.23 -41.01
N LEU B 110 -34.05 23.96 -40.63
CA LEU B 110 -35.41 23.42 -40.57
C LEU B 110 -36.28 24.25 -39.63
N GLN B 111 -35.74 24.63 -38.47
CA GLN B 111 -36.53 25.38 -37.50
C GLN B 111 -36.83 26.80 -37.98
N VAL B 112 -35.88 27.42 -38.69
CA VAL B 112 -36.13 28.74 -39.24
C VAL B 112 -37.15 28.67 -40.37
N VAL B 113 -37.12 27.59 -41.16
CA VAL B 113 -38.06 27.47 -42.27
C VAL B 113 -39.47 27.19 -41.75
N ARG B 114 -39.59 26.37 -40.71
CA ARG B 114 -40.93 26.05 -40.18
C ARG B 114 -41.63 27.26 -39.57
N SER B 115 -40.92 28.37 -39.36
CA SER B 115 -41.56 29.60 -38.91
C SER B 115 -42.15 30.42 -40.05
N LEU B 116 -41.92 30.01 -41.31
CA LEU B 116 -42.43 30.74 -42.46
C LEU B 116 -43.10 29.81 -43.46
N VAL B 117 -43.45 28.59 -43.05
CA VAL B 117 -44.11 27.62 -43.91
C VAL B 117 -45.26 26.99 -43.13
N LYS B 118 -46.44 26.95 -43.75
CA LYS B 118 -47.59 26.33 -43.12
C LYS B 118 -47.33 24.84 -42.88
N PRO B 119 -47.96 24.25 -41.86
CA PRO B 119 -47.85 22.80 -41.67
C PRO B 119 -48.54 22.00 -42.76
N GLU B 120 -49.31 22.64 -43.63
CA GLU B 120 -49.97 21.98 -44.75
C GLU B 120 -49.12 22.03 -46.02
N ASN B 121 -47.89 22.52 -45.94
CA ASN B 121 -47.01 22.66 -47.08
C ASN B 121 -45.64 22.07 -46.77
N TYR B 122 -45.63 20.92 -46.10
CA TYR B 122 -44.40 20.21 -45.79
C TYR B 122 -44.04 19.16 -46.84
N ARG B 123 -44.84 19.02 -47.89
CA ARG B 123 -44.58 18.03 -48.92
C ARG B 123 -44.59 18.69 -50.30
N ARG B 124 -45.37 19.76 -50.44
CA ARG B 124 -45.53 20.43 -51.73
C ARG B 124 -44.35 21.33 -52.10
N LEU B 125 -43.58 21.79 -51.12
CA LEU B 125 -42.46 22.67 -51.42
C LEU B 125 -41.40 21.97 -52.28
N ASP B 126 -41.29 20.65 -52.15
CA ASP B 126 -40.32 19.87 -52.92
C ASP B 126 -38.90 20.35 -52.67
N ILE B 127 -38.58 20.61 -51.40
CA ILE B 127 -37.26 21.13 -51.03
C ILE B 127 -36.22 20.05 -51.29
N VAL B 128 -36.31 18.95 -50.55
CA VAL B 128 -35.48 17.76 -50.75
C VAL B 128 -36.36 16.54 -50.48
N ARG B 129 -36.27 15.54 -51.35
CA ARG B 129 -37.17 14.41 -51.24
C ARG B 129 -36.79 13.48 -50.09
N SER B 130 -35.56 13.57 -49.59
CA SER B 130 -35.15 12.86 -48.39
C SER B 130 -35.21 13.77 -47.16
N LEU B 131 -35.90 14.90 -47.25
CA LEU B 131 -35.96 15.86 -46.15
C LEU B 131 -37.39 16.24 -45.81
N TYR B 132 -38.29 16.21 -46.80
CA TYR B 132 -39.69 16.54 -46.47
C TYR B 132 -40.32 15.48 -45.60
N GLU B 133 -39.73 14.29 -45.53
CA GLU B 133 -40.09 13.30 -44.52
C GLU B 133 -39.60 13.69 -43.13
N ASP B 134 -38.69 14.65 -43.03
CA ASP B 134 -38.24 15.19 -41.77
C ASP B 134 -38.90 16.52 -41.42
N LEU B 135 -39.58 17.16 -42.39
CA LEU B 135 -40.33 18.37 -42.10
C LEU B 135 -41.54 18.12 -41.21
N GLU B 136 -41.92 16.87 -41.01
CA GLU B 136 -43.09 16.51 -40.22
C GLU B 136 -42.72 15.68 -38.99
N ASP B 137 -41.50 15.85 -38.48
CA ASP B 137 -41.01 15.05 -37.37
C ASP B 137 -40.29 15.87 -36.30
N HIS B 138 -40.29 17.21 -36.39
CA HIS B 138 -39.50 18.06 -35.51
C HIS B 138 -40.41 19.07 -34.79
N PRO B 139 -41.02 18.66 -33.67
CA PRO B 139 -41.74 19.63 -32.83
C PRO B 139 -40.78 20.47 -31.99
N ASN B 140 -41.33 21.30 -31.12
CA ASN B 140 -40.51 22.11 -30.22
C ASN B 140 -40.09 21.29 -29.01
N ALA C 17 50.85 3.24 62.97
CA ALA C 17 49.41 3.36 63.21
C ALA C 17 49.00 2.96 64.61
N LYS C 18 47.72 3.13 64.91
CA LYS C 18 47.17 2.82 66.22
C LYS C 18 46.32 1.55 66.15
N LYS C 19 46.31 0.79 67.25
CA LYS C 19 45.54 -0.43 67.31
C LYS C 19 44.07 -0.16 67.64
N LYS C 20 43.81 0.46 68.79
CA LYS C 20 42.45 0.69 69.26
C LYS C 20 42.17 2.19 69.30
N ARG C 21 41.78 2.73 68.15
CA ARG C 21 41.25 4.09 68.07
C ARG C 21 39.81 4.10 67.56
N PHE C 22 39.58 3.59 66.35
CA PHE C 22 38.25 3.42 65.74
C PHE C 22 37.38 4.67 65.90
N GLU C 23 37.83 5.74 65.24
CA GLU C 23 37.00 6.92 65.12
C GLU C 23 35.91 6.67 64.07
N VAL C 24 34.68 7.06 64.39
CA VAL C 24 33.51 6.67 63.60
C VAL C 24 33.13 7.84 62.70
N LYS C 25 33.65 7.81 61.48
CA LYS C 25 33.32 8.78 60.44
C LYS C 25 32.17 8.23 59.59
N LYS C 26 32.00 8.76 58.38
CA LYS C 26 30.80 8.65 57.54
C LYS C 26 30.03 7.35 57.67
N TRP C 27 28.72 7.46 57.87
CA TRP C 27 27.80 6.33 57.96
C TRP C 27 26.86 6.35 56.76
N ASN C 28 26.09 5.27 56.60
CA ASN C 28 25.08 5.18 55.56
C ASN C 28 23.97 4.25 56.01
N ALA C 29 22.83 4.33 55.33
CA ALA C 29 21.68 3.51 55.67
C ALA C 29 20.69 3.52 54.51
N VAL C 30 19.74 2.60 54.57
CA VAL C 30 18.69 2.43 53.56
C VAL C 30 17.42 1.98 54.26
N ALA C 31 16.26 2.48 53.81
CA ALA C 31 15.00 2.16 54.46
C ALA C 31 13.83 2.28 53.48
N LEU C 32 12.81 1.47 53.71
CA LEU C 32 11.58 1.45 52.94
C LEU C 32 10.50 2.27 53.66
N TRP C 33 9.57 2.82 52.88
CA TRP C 33 8.45 3.56 53.47
C TRP C 33 7.12 2.92 53.06
N ALA C 34 6.25 2.72 54.05
CA ALA C 34 4.94 2.11 53.84
C ALA C 34 3.94 2.87 54.72
N TRP C 35 2.77 2.28 54.94
CA TRP C 35 1.75 2.93 55.74
C TRP C 35 1.71 2.32 57.14
N ASP C 36 0.81 2.84 57.98
CA ASP C 36 0.82 2.55 59.42
C ASP C 36 0.05 1.28 59.79
N ILE C 37 0.35 0.15 59.14
CA ILE C 37 -0.18 -1.15 59.56
C ILE C 37 0.95 -2.17 59.46
N VAL C 38 0.64 -3.44 59.72
CA VAL C 38 1.66 -4.47 59.82
C VAL C 38 2.24 -4.84 58.45
N VAL C 39 1.41 -5.27 57.49
CA VAL C 39 -0.06 -5.26 57.46
C VAL C 39 -0.65 -6.64 57.15
N ASP C 40 0.15 -7.48 56.49
CA ASP C 40 -0.34 -8.73 55.86
C ASP C 40 -1.38 -8.44 54.79
N ASN C 41 -1.22 -7.31 54.10
CA ASN C 41 -1.80 -7.07 52.78
C ASN C 41 -3.32 -6.94 52.80
N CYS C 42 -3.83 -6.05 53.65
CA CYS C 42 -5.20 -5.52 53.59
C CYS C 42 -6.23 -6.64 53.38
N ALA C 43 -6.39 -7.44 54.44
CA ALA C 43 -7.03 -8.76 54.41
C ALA C 43 -8.30 -8.87 53.57
N ILE C 44 -9.00 -7.75 53.31
CA ILE C 44 -10.17 -7.78 52.43
C ILE C 44 -9.85 -8.51 51.13
N CYS C 45 -8.81 -8.04 50.44
CA CYS C 45 -8.22 -8.75 49.31
C CYS C 45 -6.84 -9.25 49.72
N ARG C 46 -6.18 -9.97 48.81
CA ARG C 46 -4.89 -10.58 49.10
C ARG C 46 -3.77 -9.94 48.29
N ASN C 47 -3.80 -8.62 48.16
CA ASN C 47 -2.71 -7.86 47.57
C ASN C 47 -2.19 -6.84 48.58
N HIS C 48 -1.01 -6.30 48.31
CA HIS C 48 -0.37 -5.41 49.27
C HIS C 48 -1.12 -4.09 49.37
N ILE C 49 -1.00 -3.44 50.53
CA ILE C 49 -1.68 -2.17 50.75
C ILE C 49 -1.12 -1.06 49.86
N MET C 50 0.13 -1.19 49.40
CA MET C 50 0.76 -0.17 48.56
C MET C 50 0.94 -0.67 47.13
N ASP C 51 0.38 -1.84 46.80
CA ASP C 51 0.36 -2.34 45.43
C ASP C 51 -1.10 -2.42 44.98
N LEU C 52 -1.31 -2.28 43.69
CA LEU C 52 -2.67 -2.17 43.15
C LEU C 52 -3.53 -3.37 43.56
N CYS C 53 -4.81 -3.09 43.77
CA CYS C 53 -5.77 -4.10 44.21
C CYS C 53 -6.30 -4.87 43.00
N ILE C 54 -7.32 -5.70 43.23
CA ILE C 54 -7.83 -6.58 42.18
C ILE C 54 -8.51 -5.76 41.09
N GLU C 55 -9.49 -4.93 41.46
CA GLU C 55 -10.28 -4.21 40.46
C GLU C 55 -9.42 -3.23 39.66
N CYS C 56 -8.35 -2.71 40.24
CA CYS C 56 -7.53 -1.74 39.53
C CYS C 56 -6.38 -2.38 38.76
N GLN C 57 -5.68 -3.34 39.36
CA GLN C 57 -4.65 -4.06 38.60
C GLN C 57 -5.24 -4.89 37.48
N ALA C 58 -6.53 -5.24 37.57
CA ALA C 58 -7.21 -6.00 36.54
C ALA C 58 -8.03 -5.14 35.60
N ASN C 59 -8.58 -4.02 36.09
CA ASN C 59 -9.49 -3.22 35.27
C ASN C 59 -8.79 -2.64 34.06
N GLN C 60 -7.49 -2.36 34.17
CA GLN C 60 -6.70 -1.79 33.07
C GLN C 60 -7.27 -0.44 32.63
N ALA C 61 -7.83 0.30 33.59
CA ALA C 61 -8.42 1.61 33.39
C ALA C 61 -7.55 2.66 34.08
N SER C 62 -8.05 3.90 34.12
CA SER C 62 -7.30 5.00 34.70
C SER C 62 -7.02 4.77 36.18
N ALA C 63 -5.81 5.13 36.59
CA ALA C 63 -5.37 5.02 37.98
C ALA C 63 -4.05 5.77 38.13
N THR C 64 -3.79 6.24 39.36
CA THR C 64 -2.54 6.93 39.64
C THR C 64 -1.38 5.93 39.63
N SER C 65 -0.30 6.29 38.94
CA SER C 65 0.75 5.34 38.60
C SER C 65 1.59 4.88 39.79
N GLU C 66 1.41 5.48 40.97
CA GLU C 66 2.21 5.10 42.15
C GLU C 66 1.40 4.89 43.41
N GLU C 67 0.20 5.46 43.53
CA GLU C 67 -0.63 5.26 44.72
C GLU C 67 -2.09 5.44 44.29
N CYS C 68 -2.78 4.32 44.12
CA CYS C 68 -4.15 4.37 43.60
C CYS C 68 -5.08 5.15 44.51
N THR C 69 -5.39 4.60 45.69
CA THR C 69 -6.15 5.34 46.70
C THR C 69 -5.93 4.64 48.04
N VAL C 70 -5.08 5.21 48.88
CA VAL C 70 -4.87 4.68 50.24
C VAL C 70 -5.90 5.30 51.16
N ALA C 71 -6.77 4.47 51.73
CA ALA C 71 -7.88 4.94 52.55
C ALA C 71 -7.66 4.53 54.01
N TRP C 72 -7.32 5.50 54.85
CA TRP C 72 -7.25 5.25 56.28
C TRP C 72 -8.66 5.13 56.86
N GLY C 73 -8.79 4.29 57.88
CA GLY C 73 -10.05 4.07 58.57
C GLY C 73 -10.01 4.69 59.96
N VAL C 74 -11.15 5.25 60.37
CA VAL C 74 -11.25 5.85 61.70
C VAL C 74 -11.09 4.78 62.77
N CYS C 75 -11.44 3.52 62.44
CA CYS C 75 -11.21 2.38 63.32
C CYS C 75 -9.74 1.98 63.39
N ASN C 76 -8.87 2.79 62.78
CA ASN C 76 -7.41 2.67 62.85
C ASN C 76 -6.88 1.49 62.02
N HIS C 77 -7.68 0.97 61.10
CA HIS C 77 -7.21 0.04 60.08
C HIS C 77 -7.45 0.65 58.71
N ALA C 78 -6.39 0.75 57.91
CA ALA C 78 -6.44 1.35 56.59
C ALA C 78 -6.54 0.27 55.52
N PHE C 79 -7.42 0.50 54.55
CA PHE C 79 -7.57 -0.39 53.41
C PHE C 79 -7.54 0.41 52.12
N HIS C 80 -7.56 -0.30 51.01
CA HIS C 80 -7.85 0.31 49.73
C HIS C 80 -9.28 0.81 49.73
N PHE C 81 -9.50 1.97 49.10
CA PHE C 81 -10.76 2.69 49.28
C PHE C 81 -11.94 1.91 48.72
N HIS C 82 -11.83 1.45 47.47
CA HIS C 82 -12.95 0.81 46.79
C HIS C 82 -13.12 -0.66 47.16
N CYS C 83 -12.10 -1.30 47.74
CA CYS C 83 -12.30 -2.63 48.29
C CYS C 83 -13.23 -2.59 49.50
N ILE C 84 -12.86 -1.79 50.50
CA ILE C 84 -13.71 -1.57 51.66
C ILE C 84 -14.96 -0.78 51.32
N SER C 85 -15.02 -0.20 50.11
CA SER C 85 -16.23 0.48 49.67
C SER C 85 -17.24 -0.50 49.08
N ARG C 86 -16.79 -1.43 48.23
CA ARG C 86 -17.68 -2.48 47.74
C ARG C 86 -18.09 -3.40 48.88
N TRP C 87 -17.11 -3.88 49.66
CA TRP C 87 -17.44 -4.60 50.88
C TRP C 87 -18.31 -3.77 51.80
N LEU C 88 -18.12 -2.45 51.80
CA LEU C 88 -18.93 -1.58 52.63
C LEU C 88 -20.37 -1.51 52.14
N LYS C 89 -20.59 -1.70 50.83
CA LYS C 89 -21.94 -1.73 50.31
C LYS C 89 -22.61 -3.08 50.56
N THR C 90 -21.88 -4.19 50.37
CA THR C 90 -22.52 -5.49 50.52
C THR C 90 -22.83 -5.82 51.97
N ARG C 91 -22.04 -5.31 52.92
CA ARG C 91 -22.30 -5.52 54.33
C ARG C 91 -21.49 -4.50 55.13
N GLN C 92 -22.18 -3.73 55.99
CA GLN C 92 -21.55 -2.57 56.62
C GLN C 92 -20.50 -2.94 57.66
N VAL C 93 -20.48 -4.18 58.13
CA VAL C 93 -19.56 -4.54 59.22
C VAL C 93 -18.13 -4.56 58.69
N CYS C 94 -17.20 -4.10 59.53
CA CYS C 94 -15.80 -4.15 59.17
C CYS C 94 -15.29 -5.59 59.21
N PRO C 95 -14.50 -6.02 58.24
CA PRO C 95 -14.07 -7.43 58.19
C PRO C 95 -13.15 -7.82 59.33
N LEU C 96 -12.12 -7.02 59.62
CA LEU C 96 -11.11 -7.42 60.59
C LEU C 96 -11.66 -7.51 62.00
N ASP C 97 -12.59 -6.62 62.37
CA ASP C 97 -13.00 -6.49 63.76
C ASP C 97 -14.51 -6.59 63.96
N ASN C 98 -15.28 -6.91 62.91
CA ASN C 98 -16.71 -7.14 63.01
C ASN C 98 -17.45 -5.92 63.57
N ARG C 99 -16.96 -4.72 63.26
CA ARG C 99 -17.58 -3.48 63.72
C ARG C 99 -17.87 -2.56 62.55
N GLU C 100 -18.20 -1.31 62.82
CA GLU C 100 -18.47 -0.33 61.76
C GLU C 100 -17.19 0.42 61.44
N TRP C 101 -16.75 0.32 60.20
CA TRP C 101 -15.52 0.98 59.73
C TRP C 101 -15.85 2.28 59.02
N GLU C 102 -14.83 3.14 58.92
CA GLU C 102 -14.96 4.41 58.21
C GLU C 102 -13.71 4.68 57.38
N MET D 1 -7.92 43.97 -32.56
CA MET D 1 -7.84 43.15 -31.35
C MET D 1 -8.99 42.16 -31.29
N ASP D 2 -8.70 40.90 -31.62
CA ASP D 2 -9.68 39.82 -31.63
C ASP D 2 -10.84 40.13 -32.57
N VAL D 3 -10.50 40.29 -33.85
CA VAL D 3 -11.45 40.68 -34.88
C VAL D 3 -11.30 39.75 -36.08
N PHE D 4 -12.42 39.32 -36.65
CA PHE D 4 -12.46 38.55 -37.88
C PHE D 4 -12.65 39.47 -39.07
N LEU D 5 -12.17 39.03 -40.24
CA LEU D 5 -12.21 39.83 -41.44
C LEU D 5 -12.73 39.00 -42.61
N MET D 6 -12.97 39.70 -43.72
CA MET D 6 -13.48 39.13 -44.97
C MET D 6 -12.68 39.64 -46.16
N ILE D 7 -11.35 39.56 -46.05
CA ILE D 7 -10.48 40.06 -47.11
C ILE D 7 -10.77 39.30 -48.40
N ARG D 8 -11.07 40.04 -49.46
CA ARG D 8 -11.43 39.47 -50.75
C ARG D 8 -10.49 39.99 -51.83
N ARG D 9 -10.61 39.41 -53.02
CA ARG D 9 -9.76 39.78 -54.15
C ARG D 9 -10.41 40.85 -55.01
N THR D 12 -11.35 35.74 -54.36
CA THR D 12 -11.04 34.73 -53.36
C THR D 12 -11.32 35.24 -51.96
N THR D 13 -11.95 34.41 -51.13
CA THR D 13 -12.33 34.78 -49.77
C THR D 13 -11.70 33.76 -48.82
N ILE D 14 -10.70 34.20 -48.06
CA ILE D 14 -9.97 33.35 -47.12
C ILE D 14 -10.41 33.71 -45.71
N PHE D 15 -10.56 32.69 -44.86
CA PHE D 15 -10.98 32.88 -43.47
C PHE D 15 -9.80 32.65 -42.55
N THR D 16 -9.21 33.75 -42.09
CA THR D 16 -8.18 33.72 -41.05
C THR D 16 -8.47 34.79 -40.01
N ASP D 17 -7.53 35.04 -39.11
CA ASP D 17 -7.72 36.07 -38.09
C ASP D 17 -6.42 36.79 -37.76
N SER D 22 -1.05 43.81 -32.25
CA SER D 22 -1.28 43.40 -33.63
C SER D 22 -1.55 44.63 -34.51
N THR D 23 -0.72 44.79 -35.54
CA THR D 23 -0.82 45.92 -36.45
C THR D 23 -1.22 45.43 -37.84
N VAL D 24 -1.33 46.39 -38.77
CA VAL D 24 -1.68 46.06 -40.14
C VAL D 24 -0.59 45.22 -40.80
N PHE D 25 0.66 45.43 -40.41
CA PHE D 25 1.77 44.68 -40.99
C PHE D 25 1.65 43.19 -40.71
N GLU D 26 1.42 42.84 -39.44
CA GLU D 26 1.24 41.44 -39.08
C GLU D 26 -0.02 40.85 -39.72
N LEU D 27 -1.05 41.68 -39.92
CA LEU D 27 -2.21 41.24 -40.68
C LEU D 27 -1.82 40.86 -42.10
N LYS D 28 -0.94 41.66 -42.73
CA LYS D 28 -0.42 41.31 -44.04
C LYS D 28 0.48 40.07 -43.99
N ARG D 29 1.08 39.77 -42.84
CA ARG D 29 1.75 38.48 -42.66
C ARG D 29 0.74 37.34 -42.70
N ILE D 30 -0.38 37.49 -41.97
CA ILE D 30 -1.41 36.46 -41.96
C ILE D 30 -1.96 36.26 -43.37
N VAL D 31 -2.12 37.35 -44.12
CA VAL D 31 -2.50 37.23 -45.53
C VAL D 31 -1.42 36.50 -46.31
N GLU D 32 -0.15 36.78 -45.99
CA GLU D 32 0.97 36.12 -46.63
C GLU D 32 1.09 34.64 -46.26
N GLY D 33 0.32 34.19 -45.27
CA GLY D 33 0.34 32.80 -44.84
C GLY D 33 0.30 31.77 -45.95
N ILE D 34 -0.78 31.73 -46.73
CA ILE D 34 -0.89 30.77 -47.82
C ILE D 34 -0.67 31.47 -49.16
N LEU D 35 -1.06 32.74 -49.25
CA LEU D 35 -0.93 33.45 -50.51
C LEU D 35 0.53 33.66 -50.89
N LYS D 36 1.43 33.76 -49.90
CA LYS D 36 2.87 33.74 -50.11
C LYS D 36 3.33 34.90 -51.01
N ARG D 37 3.03 36.12 -50.56
CA ARG D 37 3.51 37.33 -51.22
C ARG D 37 3.88 38.37 -50.17
N PRO D 38 4.96 39.11 -50.39
CA PRO D 38 5.41 40.10 -49.38
C PRO D 38 4.38 41.20 -49.20
N PRO D 39 4.41 41.90 -48.06
CA PRO D 39 3.35 42.88 -47.77
C PRO D 39 3.46 44.16 -48.59
N ASP D 40 4.65 44.51 -49.08
CA ASP D 40 4.80 45.74 -49.87
C ASP D 40 4.06 45.67 -51.20
N GLU D 41 3.54 44.52 -51.59
CA GLU D 41 2.74 44.38 -52.81
C GLU D 41 1.25 44.39 -52.54
N GLN D 42 0.83 44.75 -51.33
CA GLN D 42 -0.57 44.68 -50.95
C GLN D 42 -1.03 46.00 -50.35
N ARG D 43 -2.22 46.43 -50.75
CA ARG D 43 -2.90 47.58 -50.16
C ARG D 43 -4.20 47.12 -49.50
N LEU D 44 -4.65 47.89 -48.52
CA LEU D 44 -5.90 47.60 -47.81
C LEU D 44 -6.81 48.81 -47.86
N TYR D 45 -8.05 48.59 -48.27
CA TYR D 45 -9.05 49.64 -48.39
C TYR D 45 -10.29 49.23 -47.61
N LYS D 46 -10.94 50.21 -46.97
CA LYS D 46 -12.26 49.98 -46.40
C LYS D 46 -13.28 50.81 -47.17
N ASP D 47 -13.59 50.33 -48.38
CA ASP D 47 -14.67 50.77 -49.26
C ASP D 47 -14.57 52.23 -49.68
N ASP D 48 -13.80 53.05 -48.95
CA ASP D 48 -13.56 54.43 -49.33
C ASP D 48 -12.21 54.99 -48.90
N GLN D 49 -11.35 54.21 -48.22
CA GLN D 49 -10.23 54.80 -47.50
C GLN D 49 -9.00 53.92 -47.64
N LEU D 50 -7.88 54.44 -47.15
CA LEU D 50 -6.58 53.78 -47.20
C LEU D 50 -6.11 53.49 -45.79
N LEU D 51 -5.75 52.24 -45.52
CA LEU D 51 -5.29 51.83 -44.20
C LEU D 51 -3.78 51.93 -44.13
N ASP D 52 -3.28 52.65 -43.13
CA ASP D 52 -1.85 52.83 -42.94
CA ASP D 52 -1.85 52.83 -42.94
C ASP D 52 -1.27 51.75 -42.04
N ASP D 53 0.04 51.54 -42.18
CA ASP D 53 0.73 50.53 -41.39
C ASP D 53 1.14 51.04 -40.01
N GLY D 54 1.23 52.36 -39.84
CA GLY D 54 1.67 52.93 -38.57
C GLY D 54 0.64 52.84 -37.45
N LYS D 55 -0.60 52.48 -37.76
CA LYS D 55 -1.64 52.37 -36.76
C LYS D 55 -2.01 50.90 -36.55
N THR D 56 -2.37 50.56 -35.32
CA THR D 56 -2.66 49.18 -34.96
C THR D 56 -4.01 48.74 -35.53
N LEU D 57 -4.28 47.44 -35.39
CA LEU D 57 -5.54 46.89 -35.89
C LEU D 57 -6.71 47.38 -35.05
N GLY D 58 -6.54 47.42 -33.72
CA GLY D 58 -7.62 47.89 -32.87
C GLY D 58 -8.00 49.32 -33.12
N GLU D 59 -7.03 50.16 -33.47
CA GLU D 59 -7.33 51.56 -33.76
C GLU D 59 -7.99 51.72 -35.12
N CYS D 60 -7.52 50.98 -36.13
CA CYS D 60 -8.11 51.05 -37.46
C CYS D 60 -9.49 50.40 -37.50
N SER D 64 -12.23 46.21 -31.59
CA SER D 64 -13.18 46.86 -32.48
C SER D 64 -14.56 46.20 -32.37
N GLN D 65 -14.56 44.87 -32.35
CA GLN D 65 -15.75 44.01 -32.25
C GLN D 65 -16.90 44.50 -33.12
N THR D 66 -16.59 45.00 -34.32
CA THR D 66 -17.60 45.42 -35.28
C THR D 66 -18.03 44.30 -36.21
N ALA D 67 -17.37 43.16 -36.18
CA ALA D 67 -17.66 42.04 -37.07
C ALA D 67 -17.90 40.79 -36.24
N ARG D 68 -19.16 40.36 -36.17
CA ARG D 68 -19.49 39.14 -35.45
C ARG D 68 -18.80 37.94 -36.11
N PRO D 69 -18.55 36.87 -35.35
CA PRO D 69 -17.87 35.71 -35.94
C PRO D 69 -18.71 34.94 -36.94
N GLN D 70 -20.04 35.05 -36.89
CA GLN D 70 -20.88 34.33 -37.84
C GLN D 70 -21.18 35.15 -39.09
N ALA D 71 -20.78 36.42 -39.14
CA ALA D 71 -20.93 37.23 -40.34
C ALA D 71 -19.99 38.44 -40.29
N PRO D 72 -18.69 38.25 -40.45
CA PRO D 72 -17.76 39.38 -40.39
C PRO D 72 -17.81 40.19 -41.68
N ALA D 73 -16.95 41.21 -41.76
CA ALA D 73 -16.86 42.09 -42.90
C ALA D 73 -15.41 42.31 -43.28
N THR D 74 -15.20 42.91 -44.45
CA THR D 74 -13.86 43.17 -44.96
C THR D 74 -13.28 44.45 -44.38
N LEU D 77 -8.78 43.03 -51.03
CA LEU D 77 -7.33 43.19 -51.09
C LEU D 77 -6.89 43.61 -52.49
N ALA D 78 -6.25 44.77 -52.56
CA ALA D 78 -5.77 45.33 -53.82
C ALA D 78 -4.27 45.08 -53.92
N PHE D 79 -3.89 44.12 -54.77
CA PHE D 79 -2.49 43.77 -54.93
C PHE D 79 -1.74 44.84 -55.71
N ARG D 80 -0.42 44.70 -55.76
CA ARG D 80 0.45 45.58 -56.53
C ARG D 80 1.04 44.77 -57.68
N ALA D 81 0.84 45.26 -58.91
CA ALA D 81 1.33 44.52 -60.07
C ALA D 81 2.82 44.78 -60.30
N ASP D 82 3.18 46.02 -60.63
CA ASP D 82 4.59 46.31 -60.86
C ASP D 82 5.27 46.92 -59.65
N ASP D 83 4.90 48.16 -59.29
CA ASP D 83 5.48 48.79 -58.10
C ASP D 83 4.44 49.29 -57.11
N THR D 84 3.46 50.06 -57.58
CA THR D 84 2.47 50.70 -56.73
C THR D 84 1.10 50.08 -56.99
N PHE D 85 0.41 49.73 -55.91
CA PHE D 85 -0.80 48.90 -55.99
C PHE D 85 -1.84 49.53 -56.90
N GLU D 86 -2.33 48.74 -57.86
CA GLU D 86 -3.36 49.17 -58.79
C GLU D 86 -4.54 48.21 -58.74
N ALA D 87 -5.71 48.74 -59.13
CA ALA D 87 -6.95 47.95 -59.20
C ALA D 87 -7.25 47.21 -57.91
N PRO D 92 -19.20 39.34 -55.00
CA PRO D 92 -20.66 39.25 -55.17
C PRO D 92 -21.14 37.81 -55.34
N PHE D 93 -22.10 37.41 -54.52
CA PHE D 93 -22.63 36.05 -54.55
C PHE D 93 -23.92 36.01 -55.35
N SER D 94 -24.40 34.80 -55.62
CA SER D 94 -25.57 34.60 -56.45
C SER D 94 -26.85 34.91 -55.68
N SER D 95 -27.99 34.74 -56.34
CA SER D 95 -29.29 34.98 -55.73
C SER D 95 -30.35 34.13 -56.42
N PRO D 96 -30.96 33.18 -55.73
CA PRO D 96 -31.95 32.30 -56.35
C PRO D 96 -33.24 33.06 -56.61
N PRO D 97 -34.09 32.55 -57.53
CA PRO D 97 -35.39 33.18 -57.81
C PRO D 97 -36.43 32.84 -56.73
N MET E 2 -2.72 21.41 -43.56
CA MET E 2 -2.56 22.66 -42.83
C MET E 2 -3.49 23.73 -43.38
N TYR E 3 -3.73 23.66 -44.70
CA TYR E 3 -4.62 24.61 -45.36
C TYR E 3 -5.31 23.91 -46.53
N VAL E 4 -6.63 24.06 -46.62
CA VAL E 4 -7.42 23.45 -47.68
C VAL E 4 -8.27 24.53 -48.35
N LYS E 5 -8.74 24.21 -49.55
CA LYS E 5 -9.56 25.09 -50.36
C LYS E 5 -10.93 24.48 -50.54
N LEU E 6 -11.96 25.33 -50.62
CA LEU E 6 -13.34 24.91 -50.77
C LEU E 6 -13.98 25.75 -51.87
N ILE E 7 -14.25 25.12 -53.01
CA ILE E 7 -14.75 25.82 -54.19
C ILE E 7 -16.24 25.56 -54.35
N SER E 8 -16.99 26.61 -54.68
CA SER E 8 -18.42 26.49 -54.93
C SER E 8 -18.69 26.31 -56.42
N SER E 9 -19.95 25.98 -56.73
CA SER E 9 -20.33 25.80 -58.13
C SER E 9 -20.33 27.12 -58.90
N ASP E 10 -20.46 28.25 -58.21
CA ASP E 10 -20.41 29.55 -58.87
C ASP E 10 -19.00 30.01 -59.15
N GLY E 11 -17.98 29.38 -58.56
CA GLY E 11 -16.60 29.70 -58.83
C GLY E 11 -15.85 30.33 -57.67
N HIS E 12 -16.53 30.76 -56.62
CA HIS E 12 -15.86 31.42 -55.50
C HIS E 12 -15.05 30.42 -54.69
N GLU E 13 -13.76 30.69 -54.56
CA GLU E 13 -12.88 29.87 -53.73
C GLU E 13 -12.99 30.30 -52.27
N PHE E 14 -12.67 29.36 -51.38
CA PHE E 14 -12.76 29.62 -49.93
C PHE E 14 -11.64 28.82 -49.26
N ILE E 15 -10.50 29.47 -49.07
CA ILE E 15 -9.33 28.84 -48.45
C ILE E 15 -9.39 29.03 -46.95
N VAL E 16 -9.18 27.95 -46.20
CA VAL E 16 -9.20 28.01 -44.75
C VAL E 16 -8.42 26.79 -44.25
N LYS E 17 -7.95 26.85 -43.01
CA LYS E 17 -7.23 25.73 -42.42
C LYS E 17 -8.07 24.46 -42.50
N ARG E 18 -7.38 23.31 -42.54
CA ARG E 18 -8.08 22.05 -42.78
C ARG E 18 -9.01 21.70 -41.62
N GLU E 19 -8.61 22.01 -40.39
CA GLU E 19 -9.45 21.67 -39.24
C GLU E 19 -10.74 22.48 -39.21
N HIS E 20 -10.70 23.72 -39.71
CA HIS E 20 -11.93 24.49 -39.82
C HIS E 20 -12.89 23.87 -40.83
N ALA E 21 -12.37 23.14 -41.81
CA ALA E 21 -13.21 22.44 -42.78
C ALA E 21 -13.60 21.05 -42.32
N LEU E 22 -12.88 20.46 -41.36
CA LEU E 22 -13.17 19.12 -40.86
C LEU E 22 -14.41 19.07 -39.96
N THR E 23 -15.20 20.14 -39.87
CA THR E 23 -16.35 20.13 -38.98
C THR E 23 -17.44 19.20 -39.49
N SER E 24 -17.79 19.34 -40.77
CA SER E 24 -18.80 18.46 -41.37
C SER E 24 -18.18 17.12 -41.70
N GLY E 25 -18.93 16.05 -41.44
CA GLY E 25 -18.42 14.71 -41.68
C GLY E 25 -18.10 14.44 -43.13
N THR E 26 -18.83 15.06 -44.05
CA THR E 26 -18.58 14.83 -45.47
C THR E 26 -17.21 15.37 -45.88
N ILE E 27 -16.82 16.54 -45.38
CA ILE E 27 -15.54 17.12 -45.78
C ILE E 27 -14.38 16.36 -45.15
N LYS E 28 -14.51 15.98 -43.87
CA LYS E 28 -13.47 15.15 -43.27
C LYS E 28 -13.41 13.78 -43.92
N ALA E 29 -14.50 13.35 -44.59
CA ALA E 29 -14.43 12.19 -45.45
C ALA E 29 -13.83 12.51 -46.81
N MET E 30 -13.79 13.78 -47.21
CA MET E 30 -13.19 14.14 -48.49
C MET E 30 -11.67 14.24 -48.36
N LEU E 31 -11.19 14.95 -47.34
CA LEU E 31 -9.75 15.01 -47.08
C LEU E 31 -9.19 13.66 -46.68
N SER E 32 -10.03 12.74 -46.20
CA SER E 32 -9.61 11.37 -45.96
C SER E 32 -9.44 10.58 -47.25
N GLY E 33 -9.77 11.16 -48.39
CA GLY E 33 -9.60 10.51 -49.67
C GLY E 33 -8.15 10.15 -49.92
N PRO E 34 -7.91 8.90 -50.31
CA PRO E 34 -6.53 8.44 -50.51
C PRO E 34 -5.86 9.16 -51.67
N GLY E 35 -4.53 9.07 -51.67
CA GLY E 35 -3.73 9.73 -52.68
C GLY E 35 -2.42 10.28 -52.12
N GLN E 36 -2.38 10.46 -50.80
CA GLN E 36 -1.16 10.93 -50.13
C GLN E 36 -1.23 10.66 -48.63
N ALA E 38 -5.57 12.25 -50.92
CA ALA E 38 -5.14 13.62 -50.63
C ALA E 38 -6.17 14.33 -49.78
N ASN E 43 -3.82 20.25 -49.96
CA ASN E 43 -5.13 19.68 -50.25
C ASN E 43 -6.10 20.78 -50.69
N GLU E 44 -6.86 20.50 -51.76
CA GLU E 44 -7.84 21.44 -52.27
C GLU E 44 -9.10 20.70 -52.68
N VAL E 45 -10.25 21.30 -52.39
CA VAL E 45 -11.55 20.65 -52.55
C VAL E 45 -12.47 21.59 -53.33
N ASN E 46 -13.29 21.01 -54.21
CA ASN E 46 -14.26 21.75 -54.99
C ASN E 46 -15.66 21.17 -54.79
N PHE E 47 -16.66 21.89 -55.30
CA PHE E 47 -18.05 21.46 -55.26
C PHE E 47 -18.74 21.93 -56.53
N ARG E 48 -19.36 20.99 -57.25
CA ARG E 48 -20.00 21.29 -58.52
C ARG E 48 -21.52 21.37 -58.44
N GLU E 49 -22.07 21.39 -57.22
CA GLU E 49 -23.52 21.43 -57.05
C GLU E 49 -24.01 22.44 -56.03
N ILE E 50 -23.12 23.03 -55.23
CA ILE E 50 -23.51 23.99 -54.19
C ILE E 50 -23.19 25.38 -54.70
N PRO E 51 -24.16 26.31 -54.76
CA PRO E 51 -23.86 27.67 -55.22
C PRO E 51 -23.04 28.45 -54.21
N SER E 52 -22.69 29.69 -54.55
CA SER E 52 -21.82 30.50 -53.70
C SER E 52 -22.59 31.16 -52.57
N HIS E 53 -23.80 31.69 -52.86
CA HIS E 53 -24.60 32.35 -51.84
C HIS E 53 -25.05 31.41 -50.74
N VAL E 54 -24.80 30.11 -50.88
CA VAL E 54 -25.10 29.12 -49.86
C VAL E 54 -23.84 28.64 -49.16
N LEU E 55 -22.80 28.32 -49.94
CA LEU E 55 -21.54 27.89 -49.35
C LEU E 55 -20.92 28.97 -48.47
N SER E 56 -21.08 30.24 -48.87
CA SER E 56 -20.59 31.33 -48.03
C SER E 56 -21.28 31.33 -46.67
N LYS E 57 -22.59 31.12 -46.65
CA LYS E 57 -23.31 31.07 -45.38
C LYS E 57 -22.92 29.84 -44.57
N VAL E 58 -22.66 28.72 -45.25
CA VAL E 58 -22.23 27.52 -44.53
C VAL E 58 -20.88 27.75 -43.87
N CYS E 59 -19.96 28.40 -44.58
CA CYS E 59 -18.64 28.67 -44.02
C CYS E 59 -18.72 29.66 -42.86
N MET E 60 -19.49 30.75 -43.04
CA MET E 60 -19.73 31.67 -41.94
C MET E 60 -20.39 30.97 -40.75
N TYR E 61 -21.15 29.91 -41.01
CA TYR E 61 -21.70 29.12 -39.93
C TYR E 61 -20.62 28.28 -39.25
N PHE E 62 -19.68 27.74 -40.03
CA PHE E 62 -18.56 27.01 -39.45
C PHE E 62 -17.76 27.88 -38.50
N THR E 63 -17.38 29.09 -38.96
CA THR E 63 -16.48 29.93 -38.17
C THR E 63 -17.00 30.18 -36.77
N TYR E 64 -18.32 30.37 -36.62
CA TYR E 64 -18.89 30.68 -35.31
C TYR E 64 -18.67 29.55 -34.33
N LYS E 65 -19.28 28.39 -34.61
CA LYS E 65 -19.21 27.28 -33.66
C LYS E 65 -17.84 26.62 -33.62
N VAL E 66 -16.94 26.95 -34.55
CA VAL E 66 -15.54 26.59 -34.34
C VAL E 66 -14.91 27.54 -33.33
N ARG E 67 -15.21 28.83 -33.42
CA ARG E 67 -14.65 29.80 -32.49
C ARG E 67 -15.42 29.83 -31.17
N TYR E 68 -16.72 30.16 -31.24
CA TYR E 68 -17.53 30.40 -30.04
C TYR E 68 -18.30 29.14 -29.70
N THR E 69 -17.77 28.35 -28.77
CA THR E 69 -18.47 27.21 -28.22
C THR E 69 -17.96 26.95 -26.81
N ASN E 70 -18.89 26.71 -25.89
CA ASN E 70 -18.56 26.50 -24.47
C ASN E 70 -17.76 27.66 -23.90
N SER E 71 -17.96 28.86 -24.44
CA SER E 71 -17.25 30.06 -24.03
C SER E 71 -18.06 30.83 -22.99
N SER E 72 -17.59 32.03 -22.67
CA SER E 72 -18.22 32.89 -21.66
C SER E 72 -18.76 34.13 -22.36
N THR E 73 -20.03 34.09 -22.75
CA THR E 73 -20.69 35.22 -23.40
CA THR E 73 -20.69 35.22 -23.40
C THR E 73 -22.15 34.85 -23.64
N GLU E 74 -22.96 35.87 -23.85
CA GLU E 74 -24.39 35.67 -24.13
C GLU E 74 -24.54 35.28 -25.59
N ILE E 75 -25.00 34.06 -25.84
CA ILE E 75 -25.08 33.49 -27.18
C ILE E 75 -26.15 34.22 -28.00
N PRO E 76 -25.80 34.82 -29.12
CA PRO E 76 -26.78 35.49 -29.98
C PRO E 76 -27.49 34.48 -30.88
N GLU E 77 -28.34 35.02 -31.76
CA GLU E 77 -29.08 34.23 -32.72
C GLU E 77 -28.35 34.19 -34.05
N PHE E 78 -29.00 33.67 -35.09
CA PHE E 78 -28.38 33.45 -36.39
C PHE E 78 -29.28 33.98 -37.49
N PRO E 79 -28.85 34.96 -38.28
CA PRO E 79 -29.68 35.47 -39.38
C PRO E 79 -29.56 34.57 -40.61
N ILE E 80 -30.72 34.24 -41.18
CA ILE E 80 -30.79 33.46 -42.42
C ILE E 80 -31.76 34.17 -43.36
N ALA E 81 -31.34 34.40 -44.60
CA ALA E 81 -32.18 35.12 -45.54
C ALA E 81 -33.42 34.30 -45.90
N PRO E 82 -34.58 34.94 -46.07
CA PRO E 82 -35.82 34.19 -46.27
C PRO E 82 -36.01 33.63 -47.67
N GLU E 83 -35.01 33.70 -48.54
CA GLU E 83 -35.11 33.13 -49.88
C GLU E 83 -34.00 32.13 -50.17
N ILE E 84 -32.86 32.24 -49.48
CA ILE E 84 -31.80 31.24 -49.56
C ILE E 84 -31.99 30.16 -48.51
N ALA E 85 -32.86 30.39 -47.51
CA ALA E 85 -33.09 29.43 -46.45
C ALA E 85 -33.49 28.06 -46.98
N LEU E 86 -34.18 28.02 -48.13
CA LEU E 86 -34.44 26.75 -48.78
C LEU E 86 -33.15 26.11 -49.26
N GLU E 87 -32.37 26.85 -50.06
CA GLU E 87 -31.10 26.32 -50.56
C GLU E 87 -30.13 26.04 -49.42
N LEU E 88 -30.07 26.93 -48.43
CA LEU E 88 -29.19 26.71 -47.29
C LEU E 88 -29.61 25.47 -46.51
N LEU E 89 -30.92 25.23 -46.40
CA LEU E 89 -31.40 23.99 -45.79
C LEU E 89 -30.99 22.78 -46.61
N MET E 90 -31.03 22.90 -47.94
CA MET E 90 -30.71 21.78 -48.80
C MET E 90 -29.23 21.41 -48.69
N ALA E 91 -28.34 22.38 -48.91
CA ALA E 91 -26.91 22.11 -48.76
C ALA E 91 -26.56 21.76 -47.32
N ALA E 92 -27.36 22.23 -46.36
CA ALA E 92 -27.17 21.79 -44.99
C ALA E 92 -27.46 20.31 -44.84
N ASN E 93 -28.50 19.82 -45.51
CA ASN E 93 -28.76 18.39 -45.55
C ASN E 93 -27.65 17.65 -46.28
N PHE E 94 -27.05 18.30 -47.30
CA PHE E 94 -25.96 17.67 -48.04
C PHE E 94 -24.72 17.48 -47.17
N LEU E 95 -24.27 18.54 -46.51
CA LEU E 95 -22.98 18.54 -45.84
C LEU E 95 -22.97 17.80 -44.51
N ASP E 96 -24.09 17.23 -44.09
CA ASP E 96 -24.20 16.45 -42.86
C ASP E 96 -23.81 17.25 -41.61
N CYS E 97 -23.83 18.58 -41.71
CA CYS E 97 -23.43 19.43 -40.60
C CYS E 97 -24.64 20.05 -39.91
ZN ZN F . -7.84 -4.05 49.21
ZN ZN G . -7.47 -0.02 43.37
ZN ZN H . -11.18 -1.74 62.11
#